data_9DI2
#
_entry.id   9DI2
#
_cell.length_a   1.00
_cell.length_b   1.00
_cell.length_c   1.00
_cell.angle_alpha   90.00
_cell.angle_beta   90.00
_cell.angle_gamma   90.00
#
_symmetry.space_group_name_H-M   'P 1'
#
loop_
_entity.id
_entity.type
_entity.pdbx_description
1 polymer 'WD repeat-containing protein 48'
2 polymer 'Ubiquitin carboxyl-terminal hydrolase 1'
3 polymer Ubiquitin
4 non-polymer 'ZINC ION'
5 non-polymer 3-(methanesulfonyl)propan-1-amine
#
loop_
_entity_poly.entity_id
_entity_poly.type
_entity_poly.pdbx_seq_one_letter_code
_entity_poly.pdbx_strand_id
1 'polypeptide(L)'
;MAAHHRQNTAGRRKVQVSYVIRDEVEKYNRNGVNALQLDPALNRLFTAGRDSIIRIWSVNQHKQDPYIASMEHHTDWVND
IVLCCNGKTLISASSDTTVKVWNAHKGFCMSTLRTHKDYVKALAYAKDKELVASAGLDRQIFLWDVNTLTALTASNNTVT
TSSLSGNKDSIYSLAMNQLGTIIVSGSTEKVLRVWDPRTCAKLMKLKGHTDNVKALLLNRDGTQCLSGSSDGTIRLWSLG
QQRCIATYRVHDEGVWALQVNDAFTHVYSGGRDRKIYCTDLRNPDIRVLICEEKAPVLKMELDRSADPPPAIWVATTKST
VNKWTLKGIHNFRASGDYDNDCTNPITPLCTQPDQVIKGGASIIQCHILNDKRHILTKDTNNNVAYWDVLKACKVEDLGK
VDFEDEIKKRFKMVYVPNWFSVDLKTGMLTITLDESDCFAAWVSAKDAGFSSPDGSDPKLNLGGLLLQALLEYWPRTHVN
PMDEEENEVNHVNGEQENRVQKGNGYFQVPPHTPVIFGEAGGRTLFRLLCRDSGGETESMLLNETVPQWVIDITVDKNMP
KFNKIPFYLQPHASSGAKTLKKDRLSASDMLQVRKVMEHVYEKIINLDNESQTTSSSNNEKPGEQEKEEDIAVLAEEKIE
LLCQDQVLDPNMDLRTVKHFIWKSGGDLTLHYRQKST
;
A
2 'polypeptide(L)'
;MPGVIPSESNGLSRGSPSKKNRLSLKFFQKKETKRALDFTDSQENEEKASEYRASEIDQVVPAAQSSPINCEKRENLLPF
VGLNNLGNTCYLNSILQVLYFCPGFKSGVKHLFNIISRKKEALKDEANQKDKGNCKEDSLASYELICSLQSLIISVEQLQ
ASFLLNPEKYTDELATQPRRLLNTLRELNPMYEGYLQHDAQEVLQCILGNIQETCQLLKKEEVKNVAELPTKVEEIPHPK
EEMNGINSIEMDSMRHSEDFKEKLPKGNGKRKSDTEFGNMKKKVKLSKEHQSLEENQRQTRSKRKATSDTLESPPKIIPK
YISENESPRPSQKKSRVKINWLKSATKQPSILSKFCSLGKITTNQGVKGQSKENECDPEEDLGKCESDNTTNGCGLESPG
NTVTPVNVNEVKPINKGEEQIGFELVEKLFQGQLVLRTRCLECESLTERREDFQDISVPVQEDELSKVEESSEISPEPKT
EMKTLRWAISQFASVERIVGEDKYFCENCHHYTEAERSLLFDKMPEVITIHLKCFAASGLEFDCYGGGLSKINTPLLTPL
KLSLEEWSTKPTNDSYGLFAVVMHSGITISSGHYTASVKVTDLNSLELDKGNFVVDQMCEIGKPEPLNEEEARGVVENYN
DEEVSIRVGGNTQPSKVLNKKNVEAIGLLGGQKSKADYELYNKASNPDKVASTAFAENRNSETSDTTGTHESDRNKESSD
QTGINISGFENKISYVVQSLKEYEGKWLLFDDSEVKVTEEKDFLNSLSPSTSPTSTPYLLFYKKL
;
B
3 'polypeptide(L)' MQIFVKTLTGKTITLEVEPSDTIENVKAKIQDKEGIPPDQQRLIFAGKQLEDGRTLSDYNIQKESTLHLVLRLRG C
#
loop_
_chem_comp.id
_chem_comp.type
_chem_comp.name
_chem_comp.formula
A1A4Y non-polymer 3-(methanesulfonyl)propan-1-amine 'C4 H11 N O2 S'
ZN non-polymer 'ZINC ION' 'Zn 2'
#
# COMPACT_ATOMS: atom_id res chain seq x y z
N ARG A 13 -11.26 6.66 -16.15
CA ARG A 13 -10.30 5.63 -16.50
C ARG A 13 -11.01 4.29 -16.74
N LYS A 14 -10.94 3.41 -15.75
CA LYS A 14 -11.59 2.11 -15.80
C LYS A 14 -12.84 2.15 -14.92
N VAL A 15 -13.98 1.79 -15.50
CA VAL A 15 -15.26 1.87 -14.82
C VAL A 15 -15.61 0.51 -14.26
N GLN A 16 -15.99 0.47 -12.99
CA GLN A 16 -16.36 -0.76 -12.30
C GLN A 16 -17.82 -0.71 -11.89
N VAL A 17 -18.46 -1.87 -11.84
CA VAL A 17 -19.84 -2.01 -11.39
C VAL A 17 -19.82 -2.67 -10.02
N SER A 18 -20.39 -1.98 -9.04
CA SER A 18 -20.46 -2.47 -7.68
C SER A 18 -21.91 -2.54 -7.23
N TYR A 19 -22.16 -3.41 -6.25
CA TYR A 19 -23.45 -3.45 -5.59
C TYR A 19 -23.26 -3.83 -4.14
N VAL A 20 -24.25 -3.49 -3.33
CA VAL A 20 -24.20 -3.65 -1.88
C VAL A 20 -25.27 -4.65 -1.46
N ILE A 21 -24.87 -5.65 -0.69
CA ILE A 21 -25.79 -6.60 -0.11
C ILE A 21 -26.21 -6.07 1.26
N ARG A 22 -27.50 -5.76 1.40
CA ARG A 22 -27.99 -5.04 2.56
C ARG A 22 -29.50 -5.22 2.63
N ASP A 23 -30.07 -4.85 3.77
CA ASP A 23 -31.51 -4.86 3.93
C ASP A 23 -32.12 -3.61 3.31
N GLU A 24 -33.43 -3.65 3.09
CA GLU A 24 -34.11 -2.51 2.49
C GLU A 24 -34.03 -1.29 3.40
N VAL A 25 -34.19 -1.50 4.70
CA VAL A 25 -34.10 -0.44 5.71
C VAL A 25 -32.91 -0.73 6.60
N GLU A 26 -32.03 0.26 6.75
CA GLU A 26 -30.89 0.19 7.66
C GLU A 26 -31.09 1.28 8.70
N LYS A 27 -31.80 0.93 9.78
CA LYS A 27 -32.14 1.92 10.80
C LYS A 27 -30.93 2.34 11.60
N TYR A 28 -29.99 1.43 11.82
CA TYR A 28 -28.90 1.66 12.74
C TYR A 28 -27.58 1.79 11.99
N ASN A 29 -26.67 2.55 12.58
CA ASN A 29 -25.35 2.74 11.99
C ASN A 29 -24.62 1.40 11.92
N ARG A 30 -24.04 1.11 10.77
CA ARG A 30 -23.26 -0.09 10.57
C ARG A 30 -21.77 0.16 10.63
N ASN A 31 -21.37 1.31 11.14
CA ASN A 31 -19.98 1.71 11.25
C ASN A 31 -19.94 2.95 12.15
N GLY A 32 -18.76 3.53 12.30
CA GLY A 32 -18.64 4.72 13.10
C GLY A 32 -19.32 5.92 12.46
N VAL A 33 -19.52 6.95 13.27
CA VAL A 33 -20.16 8.19 12.82
C VAL A 33 -19.08 9.26 12.73
N ASN A 34 -19.00 9.90 11.56
CA ASN A 34 -17.97 10.90 11.29
C ASN A 34 -18.40 12.31 11.63
N ALA A 35 -19.69 12.61 11.63
CA ALA A 35 -20.14 13.99 11.79
C ALA A 35 -21.52 14.03 12.42
N LEU A 36 -21.85 15.20 12.97
CA LEU A 36 -23.10 15.42 13.68
C LEU A 36 -23.63 16.82 13.38
N GLN A 37 -24.95 16.94 13.31
CA GLN A 37 -25.62 18.23 13.21
C GLN A 37 -26.91 18.17 14.00
N LEU A 38 -27.16 19.20 14.81
CA LEU A 38 -28.40 19.35 15.56
C LEU A 38 -29.27 20.43 14.94
N ASP A 39 -30.59 20.19 14.96
CA ASP A 39 -31.58 21.16 14.50
C ASP A 39 -32.46 21.54 15.68
N PRO A 40 -32.21 22.68 16.32
CA PRO A 40 -32.95 23.01 17.54
C PRO A 40 -34.43 23.17 17.34
N ALA A 41 -34.86 23.67 16.18
CA ALA A 41 -36.28 23.96 15.97
C ALA A 41 -37.10 22.69 16.00
N LEU A 42 -36.67 21.67 15.27
CA LEU A 42 -37.40 20.42 15.16
C LEU A 42 -36.94 19.37 16.15
N ASN A 43 -35.91 19.65 16.95
CA ASN A 43 -35.34 18.68 17.89
C ASN A 43 -34.94 17.41 17.14
N ARG A 44 -33.94 17.59 16.28
CA ARG A 44 -33.59 16.62 15.26
C ARG A 44 -32.09 16.54 15.12
N LEU A 45 -31.54 15.34 15.17
CA LEU A 45 -30.10 15.12 15.07
C LEU A 45 -29.78 14.38 13.78
N PHE A 46 -28.68 14.76 13.14
CA PHE A 46 -28.22 14.17 11.90
C PHE A 46 -26.91 13.46 12.15
N THR A 47 -26.77 12.25 11.64
CA THR A 47 -25.56 11.45 11.80
C THR A 47 -24.99 11.11 10.43
N ALA A 48 -23.72 11.41 10.22
CA ALA A 48 -23.02 11.11 8.98
C ALA A 48 -22.06 9.97 9.27
N GLY A 49 -22.37 8.79 8.76
CA GLY A 49 -21.67 7.59 9.12
C GLY A 49 -20.66 7.13 8.10
N ARG A 50 -19.78 6.24 8.55
CA ARG A 50 -18.86 5.55 7.66
C ARG A 50 -19.53 4.45 6.87
N ASP A 51 -20.81 4.20 7.13
CA ASP A 51 -21.61 3.28 6.33
C ASP A 51 -22.26 3.95 5.13
N SER A 52 -22.00 5.23 4.92
CA SER A 52 -22.45 6.03 3.76
C SER A 52 -23.92 6.42 3.82
N ILE A 53 -24.57 6.30 4.96
CA ILE A 53 -25.95 6.74 5.14
C ILE A 53 -25.98 7.87 6.15
N ILE A 54 -26.70 8.93 5.83
CA ILE A 54 -27.02 10.00 6.76
C ILE A 54 -28.38 9.69 7.38
N ARG A 55 -28.45 9.64 8.70
CA ARG A 55 -29.66 9.27 9.39
C ARG A 55 -30.18 10.42 10.23
N ILE A 56 -31.49 10.48 10.37
CA ILE A 56 -32.18 11.57 11.06
C ILE A 56 -32.80 10.99 12.31
N TRP A 57 -32.59 11.67 13.44
CA TRP A 57 -33.04 11.19 14.74
C TRP A 57 -33.83 12.26 15.46
N SER A 58 -34.75 11.82 16.30
CA SER A 58 -35.45 12.69 17.23
C SER A 58 -34.70 12.70 18.56
N VAL A 59 -34.68 13.86 19.21
CA VAL A 59 -33.99 14.01 20.49
C VAL A 59 -34.96 14.38 21.61
N ASN A 60 -36.25 14.15 21.40
CA ASN A 60 -37.19 14.16 22.52
C ASN A 60 -37.02 12.87 23.31
N GLN A 61 -36.91 12.99 24.63
CA GLN A 61 -36.64 11.82 25.45
C GLN A 61 -37.79 10.82 25.40
N HIS A 62 -39.04 11.31 25.38
CA HIS A 62 -40.19 10.43 25.42
C HIS A 62 -40.33 9.58 24.16
N LYS A 63 -39.72 10.01 23.05
CA LYS A 63 -39.83 9.27 21.80
C LYS A 63 -39.06 7.96 21.92
N GLN A 64 -39.80 6.85 21.90
CA GLN A 64 -39.17 5.54 22.12
C GLN A 64 -38.20 5.19 20.99
N ASP A 65 -38.60 5.41 19.74
CA ASP A 65 -37.74 5.15 18.60
C ASP A 65 -37.32 6.47 17.97
N PRO A 66 -36.08 6.90 18.12
CA PRO A 66 -35.68 8.22 17.60
C PRO A 66 -35.60 8.27 16.10
N TYR A 67 -35.57 7.12 15.43
CA TYR A 67 -35.37 7.09 13.99
C TYR A 67 -36.49 7.83 13.26
N ILE A 68 -36.10 8.68 12.31
CA ILE A 68 -37.06 9.40 11.49
C ILE A 68 -36.90 9.00 10.04
N ALA A 69 -35.69 9.15 9.50
CA ALA A 69 -35.48 8.91 8.08
C ALA A 69 -34.03 8.54 7.83
N SER A 70 -33.79 7.98 6.64
CA SER A 70 -32.47 7.61 6.19
C SER A 70 -32.19 8.28 4.86
N MET A 71 -30.98 8.78 4.68
CA MET A 71 -30.60 9.62 3.56
C MET A 71 -29.48 8.90 2.81
N GLU A 72 -29.82 8.31 1.67
CA GLU A 72 -29.00 7.26 1.05
C GLU A 72 -28.66 7.63 -0.38
N HIS A 73 -27.52 8.29 -0.58
CA HIS A 73 -27.04 8.46 -1.94
C HIS A 73 -25.52 8.37 -2.05
N HIS A 74 -24.78 8.36 -0.94
CA HIS A 74 -23.34 8.27 -0.98
C HIS A 74 -22.89 6.82 -1.11
N THR A 75 -21.67 6.64 -1.59
CA THR A 75 -21.10 5.32 -1.79
C THR A 75 -19.85 5.09 -0.96
N ASP A 76 -19.49 6.01 -0.09
CA ASP A 76 -18.33 5.88 0.77
C ASP A 76 -18.59 6.65 2.05
N TRP A 77 -17.56 6.77 2.89
CA TRP A 77 -17.67 7.47 4.16
C TRP A 77 -18.20 8.88 3.95
N VAL A 78 -19.20 9.26 4.75
CA VAL A 78 -19.68 10.63 4.79
C VAL A 78 -18.87 11.36 5.85
N ASN A 79 -18.00 12.27 5.41
CA ASN A 79 -17.01 12.86 6.31
C ASN A 79 -17.53 14.09 7.04
N ASP A 80 -18.38 14.89 6.43
CA ASP A 80 -18.91 16.05 7.11
C ASP A 80 -20.28 16.40 6.55
N ILE A 81 -21.14 16.94 7.41
CA ILE A 81 -22.44 17.43 7.02
C ILE A 81 -22.66 18.81 7.65
N VAL A 82 -23.43 19.65 6.96
CA VAL A 82 -23.74 21.00 7.41
C VAL A 82 -25.22 21.25 7.19
N LEU A 83 -25.92 21.68 8.24
CA LEU A 83 -27.26 22.24 8.09
C LEU A 83 -27.19 23.70 7.73
N CYS A 84 -28.11 24.12 6.88
CA CYS A 84 -28.13 25.50 6.40
C CYS A 84 -29.53 25.83 5.90
N CYS A 85 -29.80 27.13 5.78
CA CYS A 85 -31.11 27.65 5.37
C CYS A 85 -32.20 27.24 6.35
N ASN A 86 -31.95 27.48 7.64
CA ASN A 86 -32.86 27.14 8.72
C ASN A 86 -33.22 25.66 8.73
N GLY A 87 -32.24 24.82 8.47
CA GLY A 87 -32.46 23.39 8.50
C GLY A 87 -33.21 22.84 7.32
N LYS A 88 -33.48 23.66 6.30
CA LYS A 88 -34.17 23.16 5.12
C LYS A 88 -33.25 22.32 4.25
N THR A 89 -31.99 22.70 4.14
CA THR A 89 -31.03 22.03 3.27
C THR A 89 -29.82 21.58 4.07
N LEU A 90 -29.34 20.38 3.74
CA LEU A 90 -28.15 19.80 4.32
C LEU A 90 -27.15 19.53 3.20
N ILE A 91 -25.88 19.77 3.47
CA ILE A 91 -24.81 19.56 2.49
C ILE A 91 -23.87 18.51 3.05
N SER A 92 -23.56 17.50 2.22
CA SER A 92 -22.82 16.33 2.64
C SER A 92 -21.54 16.18 1.83
N ALA A 93 -20.45 15.85 2.52
CA ALA A 93 -19.16 15.61 1.91
C ALA A 93 -18.74 14.18 2.19
N SER A 94 -18.29 13.48 1.15
CA SER A 94 -17.98 12.06 1.28
C SER A 94 -16.66 11.73 0.61
N SER A 95 -16.22 10.50 0.85
CA SER A 95 -15.02 9.95 0.24
C SER A 95 -15.27 9.46 -1.18
N ASP A 96 -16.50 9.49 -1.66
CA ASP A 96 -16.78 9.27 -3.06
C ASP A 96 -16.54 10.52 -3.90
N THR A 97 -15.80 11.48 -3.34
CA THR A 97 -15.37 12.72 -3.96
C THR A 97 -16.52 13.66 -4.30
N THR A 98 -17.72 13.41 -3.77
CA THR A 98 -18.88 14.20 -4.14
C THR A 98 -19.39 15.00 -2.96
N VAL A 99 -19.96 16.16 -3.27
CA VAL A 99 -20.68 16.99 -2.32
C VAL A 99 -22.14 17.00 -2.75
N LYS A 100 -23.04 16.70 -1.82
CA LYS A 100 -24.44 16.52 -2.14
C LYS A 100 -25.30 17.51 -1.37
N VAL A 101 -26.34 18.01 -2.03
CA VAL A 101 -27.31 18.92 -1.45
C VAL A 101 -28.61 18.14 -1.25
N TRP A 102 -29.16 18.22 -0.04
CA TRP A 102 -30.33 17.43 0.33
C TRP A 102 -31.47 18.34 0.77
N ASN A 103 -32.67 17.78 0.72
CA ASN A 103 -33.84 18.38 1.35
C ASN A 103 -33.95 17.78 2.74
N ALA A 104 -33.44 18.48 3.74
CA ALA A 104 -33.35 17.94 5.08
C ALA A 104 -34.72 17.71 5.72
N HIS A 105 -35.76 18.41 5.26
CA HIS A 105 -37.09 18.18 5.82
C HIS A 105 -37.67 16.85 5.33
N LYS A 106 -37.36 16.44 4.11
CA LYS A 106 -37.89 15.21 3.53
C LYS A 106 -36.86 14.10 3.48
N GLY A 107 -35.65 14.39 3.01
CA GLY A 107 -34.59 13.41 3.01
C GLY A 107 -34.21 12.87 1.65
N PHE A 108 -34.23 13.72 0.62
CA PHE A 108 -33.83 13.33 -0.71
C PHE A 108 -32.76 14.26 -1.24
N CYS A 109 -31.94 13.74 -2.14
CA CYS A 109 -30.83 14.50 -2.70
C CYS A 109 -31.31 15.33 -3.86
N MET A 110 -30.93 16.61 -3.87
CA MET A 110 -31.29 17.51 -4.95
C MET A 110 -30.18 17.58 -6.01
N SER A 111 -28.93 17.72 -5.57
CA SER A 111 -27.82 17.94 -6.49
C SER A 111 -26.58 17.23 -5.98
N THR A 112 -25.66 16.99 -6.90
CA THR A 112 -24.36 16.40 -6.60
C THR A 112 -23.29 17.27 -7.24
N LEU A 113 -22.27 17.62 -6.47
CA LEU A 113 -21.17 18.44 -6.93
C LEU A 113 -19.93 17.59 -7.05
N ARG A 114 -19.41 17.50 -8.27
CA ARG A 114 -18.30 16.62 -8.61
C ARG A 114 -17.05 17.41 -8.97
N THR A 115 -16.78 18.48 -8.22
CA THR A 115 -15.65 19.35 -8.50
C THR A 115 -14.37 18.93 -7.79
N HIS A 116 -14.43 17.94 -6.91
CA HIS A 116 -13.26 17.49 -6.17
C HIS A 116 -12.69 16.24 -6.82
N LYS A 117 -11.37 16.14 -6.80
CA LYS A 117 -10.66 15.02 -7.40
C LYS A 117 -10.31 13.92 -6.40
N ASP A 118 -10.62 14.11 -5.13
CA ASP A 118 -10.25 13.14 -4.10
C ASP A 118 -11.30 13.18 -3.00
N TYR A 119 -10.99 12.51 -1.90
CA TYR A 119 -11.89 12.48 -0.75
C TYR A 119 -12.16 13.90 -0.27
N VAL A 120 -13.41 14.17 0.06
CA VAL A 120 -13.81 15.49 0.56
C VAL A 120 -13.95 15.38 2.06
N LYS A 121 -13.07 16.04 2.80
CA LYS A 121 -12.97 15.88 4.24
C LYS A 121 -13.76 16.92 5.02
N ALA A 122 -13.81 18.16 4.55
CA ALA A 122 -14.25 19.27 5.36
C ALA A 122 -15.35 20.05 4.68
N LEU A 123 -16.29 20.53 5.49
CA LEU A 123 -17.31 21.48 5.09
C LEU A 123 -17.35 22.59 6.11
N ALA A 124 -17.46 23.83 5.64
CA ALA A 124 -17.55 24.99 6.49
C ALA A 124 -18.80 25.77 6.12
N TYR A 125 -19.33 26.51 7.08
CA TYR A 125 -20.58 27.22 6.87
C TYR A 125 -20.49 28.63 7.44
N ALA A 126 -21.02 29.59 6.69
CA ALA A 126 -21.19 30.97 7.15
C ALA A 126 -22.68 31.26 7.18
N LYS A 127 -23.21 31.45 8.38
CA LYS A 127 -24.66 31.55 8.54
C LYS A 127 -25.24 32.78 7.85
N ASP A 128 -24.57 33.92 7.99
CA ASP A 128 -25.15 35.17 7.51
C ASP A 128 -25.09 35.30 6.00
N LYS A 129 -24.03 34.78 5.38
CA LYS A 129 -23.87 34.88 3.94
C LYS A 129 -24.44 33.69 3.18
N GLU A 130 -24.93 32.67 3.88
CA GLU A 130 -25.41 31.42 3.26
C GLU A 130 -24.36 30.87 2.31
N LEU A 131 -23.16 30.66 2.85
CA LEU A 131 -21.98 30.29 2.08
C LEU A 131 -21.37 29.05 2.70
N VAL A 132 -21.05 28.06 1.86
CA VAL A 132 -20.47 26.80 2.31
C VAL A 132 -19.20 26.53 1.54
N ALA A 133 -18.15 26.12 2.24
CA ALA A 133 -16.88 25.77 1.64
C ALA A 133 -16.63 24.28 1.80
N SER A 134 -15.98 23.67 0.81
CA SER A 134 -15.67 22.24 0.84
C SER A 134 -14.21 22.04 0.51
N ALA A 135 -13.54 21.20 1.29
CA ALA A 135 -12.13 20.93 1.11
C ALA A 135 -11.87 19.45 1.31
N GLY A 136 -10.77 18.98 0.74
CA GLY A 136 -10.42 17.58 0.85
C GLY A 136 -8.98 17.29 0.53
N LEU A 137 -8.72 16.03 0.20
CA LEU A 137 -7.38 15.54 -0.03
C LEU A 137 -6.80 16.01 -1.36
N ASP A 138 -7.61 16.59 -2.24
CA ASP A 138 -7.13 17.08 -3.52
C ASP A 138 -6.55 18.48 -3.43
N ARG A 139 -6.42 19.02 -2.21
CA ARG A 139 -5.77 20.28 -1.90
C ARG A 139 -6.59 21.48 -2.35
N GLN A 140 -7.87 21.29 -2.66
CA GLN A 140 -8.72 22.33 -3.21
C GLN A 140 -9.81 22.71 -2.22
N ILE A 141 -10.07 24.01 -2.10
CA ILE A 141 -11.19 24.53 -1.32
C ILE A 141 -12.15 25.21 -2.29
N PHE A 142 -13.41 24.82 -2.27
CA PHE A 142 -14.42 25.36 -3.15
C PHE A 142 -15.49 26.07 -2.33
N LEU A 143 -15.79 27.31 -2.72
CA LEU A 143 -16.79 28.14 -2.06
C LEU A 143 -18.11 28.04 -2.79
N TRP A 144 -19.18 27.77 -2.05
CA TRP A 144 -20.51 27.58 -2.62
C TRP A 144 -21.49 28.53 -1.98
N ASP A 145 -22.40 29.07 -2.79
CA ASP A 145 -23.51 29.89 -2.30
C ASP A 145 -24.75 29.03 -2.28
N VAL A 146 -25.24 28.72 -1.08
CA VAL A 146 -26.30 27.73 -0.93
C VAL A 146 -27.56 28.13 -1.69
N ASN A 147 -27.81 29.43 -1.81
CA ASN A 147 -29.00 29.89 -2.52
C ASN A 147 -28.95 29.59 -4.01
N THR A 148 -27.76 29.46 -4.61
CA THR A 148 -27.67 29.07 -6.01
C THR A 148 -27.47 27.57 -6.19
N LEU A 149 -27.29 26.82 -5.10
CA LEU A 149 -27.34 25.36 -5.15
C LEU A 149 -28.76 24.83 -5.04
N THR A 150 -29.75 25.62 -5.46
CA THR A 150 -31.09 25.11 -5.75
C THR A 150 -31.21 24.77 -7.24
N ALA A 151 -30.36 23.85 -7.67
CA ALA A 151 -30.32 23.39 -9.05
C ALA A 151 -30.70 21.91 -9.09
N LEU A 152 -31.62 21.56 -9.98
CA LEU A 152 -32.11 20.18 -10.04
C LEU A 152 -31.14 19.29 -10.81
N THR A 153 -30.95 19.55 -12.09
CA THR A 153 -30.08 18.76 -12.94
C THR A 153 -29.17 19.68 -13.74
N ALA A 154 -28.09 19.08 -14.27
CA ALA A 154 -27.13 19.85 -15.05
C ALA A 154 -27.77 20.44 -16.30
N SER A 155 -28.61 19.66 -16.98
CA SER A 155 -29.30 20.17 -18.16
C SER A 155 -30.26 21.30 -17.80
N ASN A 156 -30.97 21.16 -16.67
CA ASN A 156 -31.90 22.20 -16.24
C ASN A 156 -31.17 23.49 -15.89
N ASN A 157 -30.05 23.38 -15.16
CA ASN A 157 -29.31 24.55 -14.73
C ASN A 157 -27.88 24.14 -14.40
N THR A 158 -26.99 25.13 -14.37
CA THR A 158 -25.57 24.91 -14.12
C THR A 158 -25.06 25.98 -13.17
N VAL A 159 -24.06 25.62 -12.35
CA VAL A 159 -23.50 26.51 -11.36
C VAL A 159 -22.00 26.65 -11.59
N THR A 160 -21.46 27.82 -11.23
CA THR A 160 -20.05 28.15 -11.39
C THR A 160 -19.37 28.17 -10.03
N THR A 161 -18.06 27.90 -10.03
CA THR A 161 -17.32 27.60 -8.82
C THR A 161 -16.28 28.66 -8.52
N SER A 162 -16.09 28.94 -7.24
CA SER A 162 -14.98 29.75 -6.74
C SER A 162 -14.06 28.88 -5.91
N SER A 163 -12.76 29.12 -6.01
CA SER A 163 -11.77 28.29 -5.36
C SER A 163 -10.74 29.15 -4.64
N LEU A 164 -10.17 28.60 -3.58
CA LEU A 164 -9.10 29.22 -2.82
C LEU A 164 -7.83 28.39 -2.98
N SER A 165 -6.76 29.02 -3.44
CA SER A 165 -5.52 28.33 -3.74
C SER A 165 -4.45 28.67 -2.71
N GLY A 166 -3.55 27.71 -2.49
CA GLY A 166 -2.46 27.94 -1.58
C GLY A 166 -1.99 26.71 -0.84
N ASN A 167 -2.82 25.69 -0.73
CA ASN A 167 -2.49 24.52 0.06
C ASN A 167 -1.46 23.66 -0.65
N LYS A 168 -0.39 23.34 0.06
CA LYS A 168 0.65 22.47 -0.46
C LYS A 168 0.49 21.03 0.00
N ASP A 169 -0.59 20.71 0.71
CA ASP A 169 -0.81 19.35 1.16
C ASP A 169 -2.30 19.18 1.45
N SER A 170 -2.69 17.95 1.80
CA SER A 170 -4.09 17.59 1.92
C SER A 170 -4.77 18.29 3.10
N ILE A 171 -5.99 18.75 2.88
CA ILE A 171 -6.75 19.51 3.87
C ILE A 171 -7.64 18.57 4.65
N TYR A 172 -7.60 18.68 5.97
CA TYR A 172 -8.40 17.83 6.85
C TYR A 172 -9.43 18.60 7.65
N SER A 173 -9.40 19.93 7.64
CA SER A 173 -10.32 20.73 8.42
C SER A 173 -10.56 22.07 7.74
N LEU A 174 -11.74 22.62 7.98
CA LEU A 174 -12.14 23.92 7.46
C LEU A 174 -12.90 24.68 8.55
N ALA A 175 -12.91 26.00 8.43
CA ALA A 175 -13.66 26.82 9.37
C ALA A 175 -13.92 28.19 8.76
N MET A 176 -15.18 28.61 8.76
CA MET A 176 -15.56 29.98 8.50
C MET A 176 -16.31 30.53 9.70
N ASN A 177 -16.24 31.85 9.88
CA ASN A 177 -17.05 32.47 10.91
C ASN A 177 -18.46 32.70 10.39
N GLN A 178 -19.35 33.12 11.29
CA GLN A 178 -20.73 33.39 10.92
C GLN A 178 -20.81 34.48 9.87
N LEU A 179 -20.03 35.55 10.04
CA LEU A 179 -20.08 36.67 9.13
C LEU A 179 -19.52 36.35 7.76
N GLY A 180 -18.86 35.21 7.59
CA GLY A 180 -18.34 34.82 6.30
C GLY A 180 -17.21 35.68 5.78
N THR A 181 -16.32 36.12 6.68
CA THR A 181 -15.21 36.98 6.28
C THR A 181 -13.85 36.35 6.46
N ILE A 182 -13.75 35.25 7.21
CA ILE A 182 -12.50 34.54 7.42
C ILE A 182 -12.75 33.06 7.22
N ILE A 183 -11.91 32.42 6.42
CA ILE A 183 -11.93 30.98 6.27
C ILE A 183 -10.53 30.45 6.54
N VAL A 184 -10.44 29.46 7.42
CA VAL A 184 -9.18 28.88 7.85
C VAL A 184 -9.16 27.41 7.49
N SER A 185 -8.04 26.94 6.96
CA SER A 185 -7.87 25.55 6.58
C SER A 185 -6.73 24.94 7.38
N GLY A 186 -6.95 23.72 7.86
CA GLY A 186 -5.93 22.95 8.55
C GLY A 186 -5.57 21.75 7.69
N SER A 187 -4.28 21.44 7.65
CA SER A 187 -3.77 20.42 6.75
C SER A 187 -2.66 19.65 7.44
N THR A 188 -2.17 18.62 6.77
CA THR A 188 -0.95 17.95 7.18
C THR A 188 0.29 18.74 6.80
N GLU A 189 0.11 19.88 6.13
CA GLU A 189 1.17 20.86 5.94
C GLU A 189 1.62 21.49 7.24
N LYS A 190 0.85 21.31 8.31
CA LYS A 190 1.13 21.69 9.69
C LYS A 190 0.86 23.16 9.95
N VAL A 191 0.58 23.96 8.93
CA VAL A 191 0.36 25.40 9.07
C VAL A 191 -1.08 25.72 8.72
N LEU A 192 -1.68 26.60 9.51
CA LEU A 192 -3.03 27.07 9.23
C LEU A 192 -2.98 28.15 8.18
N ARG A 193 -3.80 28.01 7.14
CA ARG A 193 -3.89 28.98 6.06
C ARG A 193 -5.22 29.70 6.15
N VAL A 194 -5.20 31.02 6.04
CA VAL A 194 -6.36 31.86 6.21
C VAL A 194 -6.60 32.66 4.93
N TRP A 195 -7.86 32.75 4.54
CA TRP A 195 -8.27 33.51 3.36
C TRP A 195 -9.37 34.49 3.74
N ASP A 196 -9.72 35.33 2.77
CA ASP A 196 -10.94 36.11 2.81
C ASP A 196 -11.88 35.54 1.76
N PRO A 197 -12.94 34.82 2.14
CA PRO A 197 -13.79 34.17 1.13
C PRO A 197 -14.50 35.14 0.22
N ARG A 198 -14.62 36.40 0.61
CA ARG A 198 -15.28 37.39 -0.25
C ARG A 198 -14.45 37.67 -1.49
N THR A 199 -13.15 37.94 -1.31
CA THR A 199 -12.26 38.27 -2.42
C THR A 199 -11.27 37.16 -2.73
N CYS A 200 -11.37 36.01 -2.06
CA CYS A 200 -10.48 34.88 -2.28
C CYS A 200 -9.02 35.29 -2.11
N ALA A 201 -8.75 36.13 -1.11
CA ALA A 201 -7.43 36.70 -0.90
C ALA A 201 -6.73 35.99 0.23
N LYS A 202 -5.47 35.62 0.00
CA LYS A 202 -4.66 35.00 1.04
C LYS A 202 -4.30 36.05 2.09
N LEU A 203 -4.54 35.73 3.35
CA LEU A 203 -4.36 36.68 4.44
C LEU A 203 -3.21 36.36 5.37
N MET A 204 -3.05 35.10 5.77
CA MET A 204 -2.14 34.75 6.86
C MET A 204 -1.60 33.36 6.65
N LYS A 205 -0.59 33.01 7.45
CA LYS A 205 -0.07 31.65 7.51
C LYS A 205 0.38 31.43 8.94
N LEU A 206 -0.50 30.82 9.74
CA LEU A 206 -0.23 30.60 11.15
C LEU A 206 0.62 29.36 11.36
N LYS A 207 1.72 29.51 12.09
CA LYS A 207 2.65 28.42 12.33
C LYS A 207 2.70 28.09 13.82
N GLY A 208 2.98 26.82 14.12
CA GLY A 208 3.07 26.38 15.49
C GLY A 208 2.68 24.94 15.73
N HIS A 209 1.91 24.34 14.84
CA HIS A 209 1.50 22.97 15.03
C HIS A 209 2.55 22.02 14.49
N THR A 210 2.67 20.87 15.13
CA THR A 210 3.70 19.90 14.81
C THR A 210 3.14 18.68 14.10
N ASP A 211 1.82 18.53 14.05
CA ASP A 211 1.20 17.41 13.37
C ASP A 211 -0.04 17.93 12.63
N ASN A 212 -0.85 16.99 12.17
CA ASN A 212 -2.05 17.31 11.41
C ASN A 212 -3.04 18.09 12.26
N VAL A 213 -3.82 18.95 11.61
CA VAL A 213 -4.86 19.72 12.26
C VAL A 213 -6.20 19.20 11.79
N LYS A 214 -6.97 18.62 12.71
CA LYS A 214 -8.26 18.01 12.38
C LYS A 214 -9.43 18.73 13.04
N ALA A 215 -9.20 19.86 13.69
CA ALA A 215 -10.27 20.60 14.33
C ALA A 215 -9.96 22.10 14.29
N LEU A 216 -10.89 22.88 13.75
CA LEU A 216 -10.75 24.32 13.67
C LEU A 216 -12.06 24.99 14.06
N LEU A 217 -11.96 26.08 14.79
CA LEU A 217 -13.12 26.87 15.20
C LEU A 217 -12.79 28.34 15.08
N LEU A 218 -13.81 29.14 14.84
CA LEU A 218 -13.69 30.59 14.79
C LEU A 218 -14.84 31.19 15.56
N ASN A 219 -14.59 32.34 16.19
CA ASN A 219 -15.68 33.03 16.85
C ASN A 219 -16.49 33.81 15.82
N ARG A 220 -17.49 34.55 16.29
CA ARG A 220 -18.42 35.20 15.38
C ARG A 220 -17.71 36.24 14.52
N ASP A 221 -16.86 37.07 15.12
CA ASP A 221 -16.20 38.13 14.40
C ASP A 221 -14.97 37.66 13.64
N GLY A 222 -14.56 36.41 13.81
CA GLY A 222 -13.39 35.90 13.12
C GLY A 222 -12.09 36.55 13.53
N THR A 223 -11.97 36.91 14.80
CA THR A 223 -10.73 37.47 15.32
C THR A 223 -9.90 36.47 16.09
N GLN A 224 -10.48 35.32 16.46
CA GLN A 224 -9.76 34.27 17.17
C GLN A 224 -10.10 32.93 16.55
N CYS A 225 -9.21 31.96 16.76
CA CYS A 225 -9.37 30.63 16.21
C CYS A 225 -8.83 29.61 17.20
N LEU A 226 -9.54 28.50 17.32
CA LEU A 226 -9.10 27.37 18.12
C LEU A 226 -8.68 26.25 17.18
N SER A 227 -7.51 25.70 17.41
CA SER A 227 -6.95 24.66 16.57
C SER A 227 -6.58 23.48 17.44
N GLY A 228 -7.11 22.31 17.10
CA GLY A 228 -6.73 21.09 17.77
C GLY A 228 -5.96 20.18 16.84
N SER A 229 -4.75 19.80 17.22
CA SER A 229 -3.87 19.06 16.33
C SER A 229 -3.69 17.64 16.84
N SER A 230 -3.21 16.79 15.93
CA SER A 230 -2.94 15.40 16.25
C SER A 230 -1.74 15.24 17.18
N ASP A 231 -1.01 16.31 17.44
CA ASP A 231 0.10 16.26 18.38
C ASP A 231 -0.34 16.40 19.82
N GLY A 232 -1.61 16.70 20.07
CA GLY A 232 -2.14 16.79 21.42
C GLY A 232 -2.32 18.17 21.97
N THR A 233 -2.12 19.21 21.17
CA THR A 233 -2.18 20.58 21.64
C THR A 233 -3.40 21.30 21.07
N ILE A 234 -3.98 22.17 21.88
CA ILE A 234 -5.02 23.11 21.45
C ILE A 234 -4.40 24.49 21.51
N ARG A 235 -4.43 25.20 20.39
CA ARG A 235 -3.86 26.53 20.30
C ARG A 235 -4.95 27.54 20.01
N LEU A 236 -4.88 28.68 20.67
CA LEU A 236 -5.80 29.80 20.48
C LEU A 236 -5.05 30.92 19.77
N TRP A 237 -5.49 31.25 18.56
CA TRP A 237 -4.79 32.20 17.73
C TRP A 237 -5.48 33.55 17.73
N SER A 238 -4.67 34.60 17.60
CA SER A 238 -5.17 35.95 17.38
C SER A 238 -4.93 36.29 15.92
N LEU A 239 -6.01 36.27 15.14
CA LEU A 239 -5.88 36.51 13.71
C LEU A 239 -5.53 37.97 13.41
N GLY A 240 -5.90 38.89 14.30
CA GLY A 240 -5.47 40.27 14.12
C GLY A 240 -3.98 40.44 14.27
N GLN A 241 -3.39 39.80 15.27
CA GLN A 241 -1.96 39.89 15.53
C GLN A 241 -1.17 38.75 14.89
N GLN A 242 -1.85 37.81 14.22
CA GLN A 242 -1.20 36.72 13.51
C GLN A 242 -0.31 35.89 14.42
N ARG A 243 -0.79 35.62 15.63
CA ARG A 243 0.01 34.97 16.65
C ARG A 243 -0.84 33.96 17.41
N CYS A 244 -0.16 33.03 18.08
CA CYS A 244 -0.79 32.08 18.98
C CYS A 244 -0.75 32.65 20.39
N ILE A 245 -1.91 32.99 20.94
CA ILE A 245 -1.95 33.58 22.27
C ILE A 245 -1.65 32.54 23.34
N ALA A 246 -2.30 31.38 23.27
CA ALA A 246 -2.20 30.39 24.33
C ALA A 246 -2.13 28.99 23.72
N THR A 247 -1.51 28.09 24.48
CA THR A 247 -1.47 26.67 24.13
C THR A 247 -1.97 25.88 25.32
N TYR A 248 -2.84 24.91 25.05
CA TYR A 248 -3.43 24.07 26.09
C TYR A 248 -3.05 22.62 25.82
N ARG A 249 -2.41 21.98 26.79
CA ARG A 249 -1.98 20.60 26.71
C ARG A 249 -2.80 19.82 27.73
N VAL A 250 -3.93 19.27 27.28
CA VAL A 250 -4.84 18.54 28.15
C VAL A 250 -5.03 17.09 27.71
N HIS A 251 -4.55 16.71 26.55
CA HIS A 251 -4.76 15.38 26.00
C HIS A 251 -3.42 14.66 25.85
N ASP A 252 -3.40 13.39 26.24
CA ASP A 252 -2.20 12.57 26.06
C ASP A 252 -2.01 12.14 24.62
N GLU A 253 -3.03 12.25 23.78
CA GLU A 253 -2.92 11.90 22.38
C GLU A 253 -3.56 12.99 21.52
N GLY A 254 -3.76 12.70 20.24
CA GLY A 254 -4.23 13.71 19.33
C GLY A 254 -5.62 14.21 19.68
N VAL A 255 -5.85 15.49 19.42
CA VAL A 255 -7.16 16.12 19.58
C VAL A 255 -7.85 16.08 18.22
N TRP A 256 -9.00 15.41 18.16
CA TRP A 256 -9.70 15.20 16.91
C TRP A 256 -10.99 15.98 16.80
N ALA A 257 -11.57 16.39 17.93
CA ALA A 257 -12.83 17.10 17.94
C ALA A 257 -12.72 18.28 18.90
N LEU A 258 -13.25 19.42 18.49
CA LEU A 258 -13.28 20.63 19.30
C LEU A 258 -14.66 21.23 19.28
N GLN A 259 -15.05 21.82 20.40
CA GLN A 259 -16.30 22.56 20.47
C GLN A 259 -16.14 23.69 21.48
N VAL A 260 -16.88 24.78 21.26
CA VAL A 260 -16.75 25.98 22.07
C VAL A 260 -18.13 26.58 22.28
N ASN A 261 -18.33 27.18 23.44
CA ASN A 261 -19.60 27.83 23.73
C ASN A 261 -19.70 29.16 22.98
N ASP A 262 -20.88 29.77 23.08
CA ASP A 262 -21.16 30.98 22.31
C ASP A 262 -20.27 32.14 22.72
N ALA A 263 -20.05 32.31 24.02
CA ALA A 263 -19.18 33.38 24.51
C ALA A 263 -17.72 33.16 24.17
N PHE A 264 -17.35 31.96 23.73
CA PHE A 264 -15.99 31.64 23.30
C PHE A 264 -15.02 31.75 24.48
N THR A 265 -15.37 31.10 25.59
CA THR A 265 -14.56 31.10 26.79
C THR A 265 -14.22 29.73 27.32
N HIS A 266 -15.01 28.71 27.00
CA HIS A 266 -14.73 27.33 27.38
C HIS A 266 -14.68 26.49 26.12
N VAL A 267 -13.72 25.57 26.07
CA VAL A 267 -13.53 24.70 24.92
C VAL A 267 -13.73 23.27 25.36
N TYR A 268 -14.48 22.52 24.57
CA TYR A 268 -14.76 21.11 24.81
C TYR A 268 -14.00 20.30 23.78
N SER A 269 -13.10 19.44 24.26
CA SER A 269 -12.14 18.77 23.40
C SER A 269 -12.19 17.27 23.61
N GLY A 270 -11.90 16.54 22.53
CA GLY A 270 -11.82 15.10 22.60
C GLY A 270 -11.00 14.58 21.44
N GLY A 271 -10.50 13.37 21.60
CA GLY A 271 -9.68 12.79 20.55
C GLY A 271 -9.40 11.31 20.69
N ARG A 272 -8.17 10.92 20.43
CA ARG A 272 -7.81 9.52 20.34
C ARG A 272 -7.73 8.84 21.70
N ASP A 273 -7.57 9.59 22.79
CA ASP A 273 -7.44 9.01 24.11
C ASP A 273 -8.78 8.83 24.82
N ARG A 274 -9.89 8.98 24.12
CA ARG A 274 -11.23 8.62 24.62
C ARG A 274 -11.60 9.39 25.89
N LYS A 275 -11.17 10.65 25.99
CA LYS A 275 -11.55 11.53 27.09
C LYS A 275 -12.08 12.82 26.51
N ILE A 276 -13.00 13.46 27.23
CA ILE A 276 -13.57 14.73 26.83
C ILE A 276 -13.47 15.70 28.00
N TYR A 277 -12.91 16.88 27.74
CA TYR A 277 -12.64 17.87 28.76
C TYR A 277 -13.39 19.15 28.45
N CYS A 278 -13.50 20.02 29.46
CA CYS A 278 -14.00 21.38 29.30
C CYS A 278 -12.97 22.31 29.93
N THR A 279 -12.17 22.95 29.09
CA THR A 279 -11.06 23.78 29.55
C THR A 279 -11.44 25.25 29.44
N ASP A 280 -11.31 25.97 30.55
CA ASP A 280 -11.48 27.41 30.52
C ASP A 280 -10.33 28.04 29.75
N LEU A 281 -10.67 28.89 28.78
CA LEU A 281 -9.63 29.47 27.93
C LEU A 281 -8.85 30.55 28.65
N ARG A 282 -9.48 31.28 29.56
CA ARG A 282 -8.82 32.37 30.25
C ARG A 282 -8.20 31.96 31.58
N ASN A 283 -8.29 30.68 31.93
CA ASN A 283 -7.64 30.17 33.13
C ASN A 283 -7.52 28.65 32.98
N PRO A 284 -6.55 28.16 32.22
CA PRO A 284 -6.55 26.73 31.85
C PRO A 284 -6.30 25.78 33.00
N ASP A 285 -5.94 26.28 34.19
CA ASP A 285 -5.66 25.38 35.30
C ASP A 285 -6.92 24.66 35.77
N ILE A 286 -8.08 25.26 35.57
CA ILE A 286 -9.35 24.63 35.90
C ILE A 286 -9.89 23.92 34.65
N ARG A 287 -10.02 22.60 34.75
CA ARG A 287 -10.58 21.79 33.68
C ARG A 287 -11.32 20.62 34.30
N VAL A 288 -12.41 20.22 33.66
CA VAL A 288 -13.27 19.18 34.17
C VAL A 288 -13.30 18.04 33.17
N LEU A 289 -13.10 16.82 33.66
CA LEU A 289 -13.22 15.62 32.83
C LEU A 289 -14.69 15.27 32.71
N ILE A 290 -15.26 15.52 31.53
CA ILE A 290 -16.68 15.28 31.33
C ILE A 290 -16.97 13.79 31.33
N CYS A 291 -16.20 13.01 30.58
CA CYS A 291 -16.53 11.60 30.43
C CYS A 291 -15.34 10.81 29.91
N GLU A 292 -15.43 9.50 30.08
CA GLU A 292 -14.55 8.52 29.45
C GLU A 292 -15.35 7.78 28.40
N GLU A 293 -14.93 7.87 27.15
CA GLU A 293 -15.62 7.18 26.09
C GLU A 293 -15.03 5.79 25.88
N LYS A 294 -15.62 5.02 24.97
CA LYS A 294 -15.19 3.66 24.72
C LYS A 294 -14.39 3.53 23.43
N ALA A 295 -14.57 4.44 22.49
CA ALA A 295 -13.84 4.50 21.24
C ALA A 295 -13.35 5.91 21.06
N PRO A 296 -12.35 6.13 20.20
CA PRO A 296 -11.85 7.49 19.99
C PRO A 296 -12.92 8.44 19.49
N VAL A 297 -12.89 9.66 20.00
CA VAL A 297 -13.90 10.66 19.70
C VAL A 297 -13.62 11.26 18.32
N LEU A 298 -14.62 11.26 17.46
CA LEU A 298 -14.52 11.82 16.12
C LEU A 298 -15.19 13.18 15.99
N LYS A 299 -16.38 13.35 16.56
CA LYS A 299 -17.07 14.63 16.51
C LYS A 299 -17.84 14.86 17.81
N MET A 300 -18.09 16.12 18.10
CA MET A 300 -18.91 16.52 19.23
C MET A 300 -19.85 17.63 18.79
N GLU A 301 -21.08 17.58 19.27
CA GLU A 301 -22.09 18.59 18.96
C GLU A 301 -22.82 18.98 20.24
N LEU A 302 -22.66 20.23 20.66
CA LEU A 302 -23.36 20.73 21.84
C LEU A 302 -24.84 20.95 21.58
N ASP A 303 -25.63 20.69 22.61
CA ASP A 303 -26.98 21.21 22.68
C ASP A 303 -26.88 22.68 23.06
N ARG A 304 -27.24 23.56 22.13
CA ARG A 304 -27.10 25.00 22.31
C ARG A 304 -28.43 25.65 22.65
N SER A 305 -29.24 24.98 23.44
CA SER A 305 -30.53 25.50 23.88
C SER A 305 -30.45 26.27 25.18
N ALA A 306 -29.27 26.46 25.74
CA ALA A 306 -29.13 27.20 26.99
C ALA A 306 -27.81 27.95 26.97
N ASP A 307 -27.72 28.97 27.82
CA ASP A 307 -26.51 29.79 27.87
C ASP A 307 -25.29 29.00 28.34
N PRO A 308 -25.33 28.26 29.45
CA PRO A 308 -24.37 27.18 29.61
C PRO A 308 -24.93 25.89 29.02
N PRO A 309 -24.23 25.29 28.07
CA PRO A 309 -24.81 24.17 27.30
C PRO A 309 -25.21 23.02 28.19
N PRO A 310 -26.38 22.46 27.99
CA PRO A 310 -26.86 21.40 28.89
C PRO A 310 -26.43 19.99 28.53
N ALA A 311 -25.99 19.76 27.30
CA ALA A 311 -25.63 18.41 26.89
C ALA A 311 -24.57 18.48 25.79
N ILE A 312 -24.07 17.32 25.42
CA ILE A 312 -23.10 17.21 24.33
C ILE A 312 -23.26 15.83 23.69
N TRP A 313 -23.23 15.81 22.36
CA TRP A 313 -23.36 14.60 21.57
C TRP A 313 -22.00 14.19 21.04
N VAL A 314 -21.61 12.96 21.27
CA VAL A 314 -20.30 12.47 20.88
C VAL A 314 -20.44 11.35 19.86
N ALA A 315 -19.73 11.46 18.75
CA ALA A 315 -19.62 10.42 17.75
C ALA A 315 -18.22 9.83 17.80
N THR A 316 -18.15 8.50 17.88
CA THR A 316 -16.88 7.77 17.96
C THR A 316 -16.74 6.87 16.75
N THR A 317 -15.69 6.05 16.76
CA THR A 317 -15.53 5.02 15.75
C THR A 317 -16.51 3.87 15.94
N LYS A 318 -17.22 3.83 17.06
CA LYS A 318 -18.31 2.89 17.26
C LYS A 318 -19.58 3.43 16.62
N SER A 319 -20.58 2.56 16.53
CA SER A 319 -21.84 2.91 15.88
C SER A 319 -22.86 3.51 16.84
N THR A 320 -22.47 3.74 18.09
CA THR A 320 -23.37 4.32 19.08
C THR A 320 -23.05 5.80 19.27
N VAL A 321 -24.06 6.64 19.15
CA VAL A 321 -23.94 8.07 19.41
C VAL A 321 -24.55 8.34 20.78
N ASN A 322 -23.74 8.83 21.70
CA ASN A 322 -24.16 9.08 23.07
C ASN A 322 -24.31 10.57 23.33
N LYS A 323 -25.19 10.90 24.26
CA LYS A 323 -25.36 12.26 24.74
C LYS A 323 -24.99 12.31 26.21
N TRP A 324 -24.12 13.25 26.57
CA TRP A 324 -23.59 13.38 27.92
C TRP A 324 -24.10 14.67 28.54
N THR A 325 -24.66 14.57 29.74
CA THR A 325 -25.14 15.75 30.43
C THR A 325 -23.97 16.59 30.91
N LEU A 326 -24.09 17.90 30.76
CA LEU A 326 -23.12 18.84 31.27
C LEU A 326 -23.58 19.53 32.55
N LYS A 327 -24.75 19.18 33.07
CA LYS A 327 -25.23 19.77 34.29
C LYS A 327 -24.31 19.40 35.44
N GLY A 328 -23.93 20.39 36.23
CA GLY A 328 -22.96 20.20 37.29
C GLY A 328 -21.63 20.86 37.02
N ILE A 329 -21.36 21.30 35.79
CA ILE A 329 -20.14 22.03 35.50
C ILE A 329 -20.16 23.36 36.25
N HIS A 330 -19.08 23.63 36.98
CA HIS A 330 -18.97 24.89 37.73
C HIS A 330 -17.67 25.62 37.38
N ASN A 340 -12.74 21.36 39.94
CA ASN A 340 -12.88 21.91 41.28
C ASN A 340 -11.58 22.56 41.74
N ASP A 341 -10.89 21.93 42.69
CA ASP A 341 -9.66 22.45 43.24
C ASP A 341 -8.41 21.72 42.77
N CYS A 342 -8.53 20.45 42.38
CA CYS A 342 -7.37 19.72 41.88
C CYS A 342 -6.98 20.20 40.50
N THR A 343 -5.68 20.33 40.27
CA THR A 343 -5.19 20.78 38.96
C THR A 343 -5.53 19.78 37.87
N ASN A 344 -5.40 18.49 38.16
CA ASN A 344 -5.67 17.42 37.19
C ASN A 344 -6.62 16.40 37.81
N PRO A 345 -7.91 16.74 37.91
CA PRO A 345 -8.86 15.79 38.49
C PRO A 345 -9.01 14.55 37.63
N ILE A 346 -9.29 13.43 38.30
CA ILE A 346 -9.42 12.15 37.63
C ILE A 346 -10.87 11.70 37.53
N THR A 347 -11.73 12.03 38.49
CA THR A 347 -13.09 11.54 38.49
C THR A 347 -13.90 12.20 37.38
N PRO A 348 -14.53 11.42 36.50
CA PRO A 348 -15.37 12.03 35.47
C PRO A 348 -16.65 12.62 36.06
N LEU A 349 -17.16 13.64 35.37
CA LEU A 349 -18.38 14.30 35.82
C LEU A 349 -19.59 13.37 35.71
N CYS A 350 -19.68 12.62 34.62
CA CYS A 350 -20.78 11.70 34.42
C CYS A 350 -20.22 10.35 34.00
N THR A 351 -20.65 9.29 34.68
CA THR A 351 -20.20 7.94 34.40
C THR A 351 -21.04 7.24 33.36
N GLN A 352 -22.27 7.67 33.14
CA GLN A 352 -23.17 7.05 32.18
C GLN A 352 -23.79 8.10 31.27
N PRO A 353 -24.01 7.76 30.01
CA PRO A 353 -24.69 8.69 29.10
C PRO A 353 -26.15 8.88 29.47
N ASP A 354 -26.69 10.02 29.04
CA ASP A 354 -28.09 10.35 29.28
C ASP A 354 -29.00 9.83 28.17
N GLN A 355 -28.59 9.99 26.92
CA GLN A 355 -29.35 9.51 25.78
C GLN A 355 -28.42 8.75 24.87
N VAL A 356 -28.84 7.56 24.45
CA VAL A 356 -28.02 6.68 23.64
C VAL A 356 -28.78 6.31 22.38
N ILE A 357 -28.16 6.50 21.23
CA ILE A 357 -28.69 6.06 19.95
C ILE A 357 -27.97 4.78 19.59
N LYS A 358 -28.72 3.69 19.47
CA LYS A 358 -28.13 2.37 19.28
C LYS A 358 -27.49 2.26 17.91
N GLY A 359 -26.58 1.29 17.78
CA GLY A 359 -25.90 1.05 16.54
C GLY A 359 -25.90 -0.43 16.20
N GLY A 360 -25.46 -0.72 14.98
CA GLY A 360 -25.41 -2.07 14.47
C GLY A 360 -24.02 -2.66 14.58
N ALA A 361 -23.77 -3.66 13.74
CA ALA A 361 -22.49 -4.34 13.69
C ALA A 361 -21.90 -4.21 12.29
N SER A 362 -20.61 -3.97 12.23
CA SER A 362 -19.88 -3.81 10.97
C SER A 362 -19.24 -5.13 10.60
N ILE A 363 -19.41 -5.55 9.35
CA ILE A 363 -18.69 -6.71 8.84
C ILE A 363 -17.22 -6.33 8.76
N ILE A 364 -16.39 -7.01 9.54
CA ILE A 364 -14.99 -6.63 9.66
C ILE A 364 -14.10 -7.61 8.89
N GLN A 365 -14.48 -8.88 8.86
CA GLN A 365 -13.67 -9.89 8.21
C GLN A 365 -14.52 -10.70 7.24
N CYS A 366 -13.95 -10.99 6.08
CA CYS A 366 -14.66 -11.63 4.98
C CYS A 366 -13.82 -12.76 4.40
N HIS A 367 -14.50 -13.79 3.91
CA HIS A 367 -13.82 -14.90 3.26
C HIS A 367 -14.70 -15.45 2.14
N ILE A 368 -14.20 -15.37 0.91
CA ILE A 368 -14.88 -15.96 -0.23
C ILE A 368 -14.58 -17.45 -0.28
N LEU A 369 -15.61 -18.26 -0.42
CA LEU A 369 -15.46 -19.70 -0.39
C LEU A 369 -14.98 -20.21 -1.75
N ASN A 370 -14.81 -21.53 -1.85
CA ASN A 370 -14.14 -22.11 -3.01
C ASN A 370 -15.00 -22.00 -4.26
N ASP A 371 -16.31 -22.11 -4.13
CA ASP A 371 -17.20 -21.98 -5.28
C ASP A 371 -17.25 -20.58 -5.82
N LYS A 372 -16.70 -19.59 -5.10
CA LYS A 372 -16.71 -18.20 -5.50
C LYS A 372 -18.13 -17.69 -5.71
N ARG A 373 -19.07 -18.25 -4.96
CA ARG A 373 -20.44 -17.78 -4.94
C ARG A 373 -20.92 -17.42 -3.55
N HIS A 374 -20.29 -17.96 -2.51
CA HIS A 374 -20.70 -17.74 -1.13
C HIS A 374 -19.59 -17.09 -0.32
N ILE A 375 -19.99 -16.32 0.68
CA ILE A 375 -19.09 -15.56 1.52
C ILE A 375 -19.39 -15.88 2.98
N LEU A 376 -18.33 -15.98 3.79
CA LEU A 376 -18.45 -16.01 5.24
C LEU A 376 -17.93 -14.70 5.80
N THR A 377 -18.73 -14.06 6.64
CA THR A 377 -18.38 -12.79 7.24
C THR A 377 -18.45 -12.88 8.75
N LYS A 378 -17.53 -12.19 9.41
CA LYS A 378 -17.60 -11.96 10.84
C LYS A 378 -17.78 -10.47 11.10
N ASP A 379 -18.63 -10.13 12.06
CA ASP A 379 -18.93 -8.74 12.37
C ASP A 379 -18.34 -8.38 13.72
N THR A 380 -18.65 -7.18 14.18
CA THR A 380 -18.08 -6.66 15.42
C THR A 380 -18.62 -7.39 16.65
N ASN A 381 -19.83 -7.94 16.59
CA ASN A 381 -20.37 -8.74 17.68
C ASN A 381 -20.00 -10.21 17.56
N ASN A 382 -19.04 -10.55 16.71
CA ASN A 382 -18.51 -11.90 16.57
C ASN A 382 -19.55 -12.87 16.03
N ASN A 383 -20.47 -12.40 15.22
CA ASN A 383 -21.48 -13.23 14.58
C ASN A 383 -21.00 -13.57 13.17
N VAL A 384 -21.15 -14.83 12.79
CA VAL A 384 -20.75 -15.30 11.47
C VAL A 384 -21.99 -15.47 10.62
N ALA A 385 -21.93 -14.97 9.39
CA ALA A 385 -23.03 -15.04 8.46
C ALA A 385 -22.57 -15.68 7.16
N TYR A 386 -23.51 -16.34 6.49
CA TYR A 386 -23.27 -17.02 5.22
C TYR A 386 -24.05 -16.27 4.15
N TRP A 387 -23.36 -15.79 3.12
CA TRP A 387 -23.95 -14.93 2.12
C TRP A 387 -23.92 -15.59 0.74
N ASP A 388 -24.92 -15.26 -0.06
CA ASP A 388 -24.98 -15.66 -1.47
C ASP A 388 -24.74 -14.42 -2.31
N VAL A 389 -23.55 -14.36 -2.92
CA VAL A 389 -23.17 -13.19 -3.72
C VAL A 389 -23.99 -13.12 -5.00
N LEU A 390 -24.21 -14.28 -5.63
CA LEU A 390 -24.93 -14.30 -6.90
C LEU A 390 -26.33 -13.74 -6.74
N LYS A 391 -27.05 -14.14 -5.70
CA LYS A 391 -28.41 -13.66 -5.46
C LYS A 391 -28.45 -12.45 -4.55
N ALA A 392 -27.29 -11.95 -4.10
CA ALA A 392 -27.19 -10.72 -3.32
C ALA A 392 -28.04 -10.78 -2.06
N CYS A 393 -27.97 -11.91 -1.36
CA CYS A 393 -28.77 -12.13 -0.17
C CYS A 393 -27.92 -12.81 0.89
N LYS A 394 -28.47 -12.88 2.09
CA LYS A 394 -27.87 -13.61 3.20
C LYS A 394 -28.54 -14.97 3.31
N VAL A 395 -27.73 -16.03 3.40
CA VAL A 395 -28.29 -17.38 3.47
C VAL A 395 -28.69 -17.72 4.89
N GLU A 396 -27.78 -17.54 5.84
CA GLU A 396 -28.10 -17.85 7.23
C GLU A 396 -27.13 -17.15 8.16
N ASP A 397 -27.56 -17.00 9.41
CA ASP A 397 -26.71 -16.54 10.50
C ASP A 397 -26.28 -17.74 11.32
N LEU A 398 -24.97 -17.90 11.48
CA LEU A 398 -24.40 -19.07 12.14
C LEU A 398 -24.06 -18.80 13.60
N GLY A 399 -24.34 -17.61 14.11
CA GLY A 399 -24.09 -17.31 15.50
C GLY A 399 -22.63 -16.98 15.77
N LYS A 400 -22.26 -17.08 17.05
CA LYS A 400 -20.91 -16.78 17.50
C LYS A 400 -20.04 -18.04 17.46
N VAL A 401 -19.93 -18.61 16.28
CA VAL A 401 -19.13 -19.80 16.06
C VAL A 401 -17.76 -19.35 15.56
N ASP A 402 -16.79 -20.27 15.65
CA ASP A 402 -15.43 -19.95 15.26
C ASP A 402 -15.37 -19.67 13.76
N PHE A 403 -14.75 -18.56 13.39
CA PHE A 403 -14.68 -18.17 11.98
C PHE A 403 -13.83 -19.13 11.18
N GLU A 404 -12.64 -19.46 11.69
CA GLU A 404 -11.74 -20.32 10.93
C GLU A 404 -12.21 -21.76 10.92
N ASP A 405 -12.79 -22.22 12.02
CA ASP A 405 -13.39 -23.56 12.02
C ASP A 405 -14.57 -23.62 11.05
N GLU A 406 -15.32 -22.53 10.94
CA GLU A 406 -16.39 -22.48 9.96
C GLU A 406 -15.86 -22.46 8.54
N ILE A 407 -14.70 -21.82 8.31
CA ILE A 407 -14.09 -21.85 6.99
C ILE A 407 -13.67 -23.26 6.64
N LYS A 408 -13.02 -23.95 7.58
CA LYS A 408 -12.56 -25.30 7.30
C LYS A 408 -13.73 -26.28 7.17
N LYS A 409 -14.82 -26.03 7.88
CA LYS A 409 -15.98 -26.91 7.78
C LYS A 409 -16.59 -26.89 6.38
N ARG A 410 -16.48 -25.77 5.68
CA ARG A 410 -17.13 -25.58 4.39
C ARG A 410 -16.15 -25.62 3.23
N PHE A 411 -15.00 -26.26 3.43
CA PHE A 411 -14.07 -26.47 2.33
C PHE A 411 -14.67 -27.44 1.32
N LYS A 412 -14.56 -27.07 0.04
CA LYS A 412 -15.00 -27.91 -1.05
C LYS A 412 -13.89 -28.00 -2.08
N MET A 413 -13.78 -29.18 -2.70
CA MET A 413 -12.62 -29.50 -3.55
C MET A 413 -12.91 -29.02 -4.97
N VAL A 414 -12.93 -27.70 -5.12
CA VAL A 414 -13.33 -27.07 -6.37
C VAL A 414 -12.53 -25.80 -6.56
N TYR A 415 -12.32 -25.42 -7.81
CA TYR A 415 -11.69 -24.16 -8.17
C TYR A 415 -12.58 -23.41 -9.13
N VAL A 416 -12.94 -22.18 -8.75
CA VAL A 416 -13.61 -21.25 -9.65
C VAL A 416 -12.78 -19.98 -9.68
N PRO A 417 -12.46 -19.45 -10.85
CA PRO A 417 -11.64 -18.23 -10.91
C PRO A 417 -12.32 -17.05 -10.24
N ASN A 418 -11.50 -16.21 -9.61
CA ASN A 418 -12.02 -14.98 -9.00
C ASN A 418 -12.70 -14.13 -10.07
N TRP A 419 -13.89 -13.65 -9.76
CA TRP A 419 -14.61 -12.77 -10.65
C TRP A 419 -15.17 -11.55 -9.96
N PHE A 420 -14.92 -11.36 -8.67
CA PHE A 420 -15.41 -10.19 -7.96
C PHE A 420 -14.49 -9.89 -6.80
N SER A 421 -14.55 -8.66 -6.33
CA SER A 421 -13.84 -8.21 -5.15
C SER A 421 -14.85 -7.88 -4.06
N VAL A 422 -14.37 -7.85 -2.82
CA VAL A 422 -15.20 -7.55 -1.66
C VAL A 422 -14.55 -6.42 -0.89
N ASP A 423 -15.32 -5.37 -0.63
CA ASP A 423 -14.86 -4.24 0.17
C ASP A 423 -15.78 -4.09 1.37
N LEU A 424 -15.18 -3.85 2.53
CA LEU A 424 -15.91 -3.72 3.78
C LEU A 424 -15.74 -2.34 4.38
N LYS A 425 -15.60 -1.32 3.52
CA LYS A 425 -15.37 0.03 4.01
C LYS A 425 -16.60 0.61 4.71
N THR A 426 -17.78 0.18 4.31
CA THR A 426 -19.03 0.71 4.83
C THR A 426 -19.62 -0.14 5.95
N GLY A 427 -18.92 -1.18 6.38
CA GLY A 427 -19.49 -2.14 7.29
C GLY A 427 -20.49 -3.07 6.65
N MET A 428 -20.67 -2.98 5.34
CA MET A 428 -21.60 -3.79 4.58
C MET A 428 -20.85 -4.39 3.40
N LEU A 429 -21.38 -5.49 2.88
CA LEU A 429 -20.73 -6.20 1.79
C LEU A 429 -20.93 -5.41 0.50
N THR A 430 -19.84 -4.89 -0.05
CA THR A 430 -19.83 -4.29 -1.37
C THR A 430 -19.06 -5.20 -2.32
N ILE A 431 -19.71 -5.59 -3.41
CA ILE A 431 -19.13 -6.52 -4.39
C ILE A 431 -18.84 -5.73 -5.66
N THR A 432 -17.58 -5.73 -6.06
CA THR A 432 -17.13 -4.98 -7.22
C THR A 432 -16.85 -5.91 -8.39
N LEU A 433 -17.33 -5.55 -9.57
CA LEU A 433 -17.07 -6.26 -10.80
C LEU A 433 -16.21 -5.41 -11.72
N ASP A 434 -15.14 -6.00 -12.23
CA ASP A 434 -14.20 -5.32 -13.11
C ASP A 434 -13.99 -6.17 -14.36
N GLU A 435 -13.83 -5.50 -15.50
CA GLU A 435 -13.77 -6.21 -16.78
C GLU A 435 -12.56 -7.13 -16.87
N SER A 436 -11.57 -6.94 -16.01
CA SER A 436 -10.41 -7.82 -16.02
C SER A 436 -10.79 -9.24 -15.65
N ASP A 437 -11.69 -9.40 -14.67
CA ASP A 437 -12.00 -10.72 -14.16
C ASP A 437 -13.48 -11.02 -14.02
N CYS A 438 -14.38 -10.09 -14.36
CA CYS A 438 -15.79 -10.30 -14.10
C CYS A 438 -16.34 -11.52 -14.82
N PHE A 439 -15.78 -11.86 -15.98
CA PHE A 439 -16.28 -12.95 -16.80
C PHE A 439 -15.37 -14.17 -16.76
N ALA A 440 -14.54 -14.29 -15.72
CA ALA A 440 -13.60 -15.38 -15.62
C ALA A 440 -14.20 -16.66 -15.05
N ALA A 441 -15.46 -16.65 -14.65
CA ALA A 441 -16.07 -17.77 -13.94
C ALA A 441 -17.13 -18.43 -14.81
N TRP A 442 -16.74 -19.48 -15.51
CA TRP A 442 -17.68 -20.31 -16.25
C TRP A 442 -17.94 -21.56 -15.42
N VAL A 443 -19.20 -21.77 -15.05
CA VAL A 443 -19.60 -22.89 -14.22
C VAL A 443 -20.79 -23.57 -14.85
N SER A 444 -21.06 -24.78 -14.40
CA SER A 444 -22.20 -25.54 -14.88
C SER A 444 -23.45 -25.21 -14.06
N ALA A 445 -24.61 -25.41 -14.68
CA ALA A 445 -25.87 -25.14 -14.01
C ALA A 445 -26.06 -26.03 -12.79
N LYS A 446 -25.73 -27.31 -12.93
CA LYS A 446 -25.84 -28.22 -11.78
C LYS A 446 -24.90 -27.80 -10.66
N ASP A 447 -23.67 -27.42 -11.01
CA ASP A 447 -22.69 -27.01 -10.00
C ASP A 447 -22.94 -25.61 -9.46
N ALA A 448 -23.88 -24.87 -10.02
CA ALA A 448 -24.24 -23.55 -9.52
C ALA A 448 -25.67 -23.49 -9.00
N GLY A 449 -26.30 -24.64 -8.76
CA GLY A 449 -27.58 -24.69 -8.11
C GLY A 449 -28.78 -24.64 -9.02
N PHE A 450 -28.60 -24.22 -10.26
CA PHE A 450 -29.72 -24.05 -11.17
C PHE A 450 -29.96 -25.36 -11.93
N SER A 451 -30.79 -25.30 -12.96
CA SER A 451 -31.17 -26.47 -13.74
C SER A 451 -31.81 -25.99 -15.03
N SER A 452 -32.41 -26.91 -15.78
CA SER A 452 -33.09 -26.57 -17.02
C SER A 452 -34.56 -26.93 -16.96
N GLY A 455 -34.15 -30.67 -19.16
CA GLY A 455 -33.16 -31.68 -18.85
C GLY A 455 -31.82 -31.43 -19.51
N SER A 456 -31.12 -30.40 -19.04
CA SER A 456 -29.81 -30.05 -19.60
C SER A 456 -29.01 -29.33 -18.53
N ASP A 457 -27.68 -29.27 -18.75
CA ASP A 457 -26.75 -28.63 -17.83
C ASP A 457 -25.89 -27.65 -18.62
N PRO A 458 -26.42 -26.49 -18.97
CA PRO A 458 -25.63 -25.51 -19.71
C PRO A 458 -24.54 -24.88 -18.86
N LYS A 459 -23.62 -24.23 -19.54
CA LYS A 459 -22.46 -23.60 -18.92
C LYS A 459 -22.75 -22.13 -18.71
N LEU A 460 -22.61 -21.66 -17.47
CA LEU A 460 -23.07 -20.35 -17.06
C LEU A 460 -21.92 -19.45 -16.64
N ASN A 461 -21.99 -18.19 -17.02
CA ASN A 461 -21.00 -17.20 -16.62
C ASN A 461 -21.58 -16.36 -15.48
N LEU A 462 -20.93 -16.42 -14.33
CA LEU A 462 -21.48 -15.80 -13.13
C LEU A 462 -21.55 -14.28 -13.27
N GLY A 463 -20.50 -13.67 -13.82
CA GLY A 463 -20.53 -12.23 -14.03
C GLY A 463 -21.62 -11.80 -14.98
N GLY A 464 -21.80 -12.55 -16.07
CA GLY A 464 -22.87 -12.23 -17.00
C GLY A 464 -24.23 -12.32 -16.36
N LEU A 465 -24.48 -13.41 -15.63
CA LEU A 465 -25.76 -13.57 -14.96
C LEU A 465 -26.00 -12.45 -13.96
N LEU A 466 -24.98 -12.10 -13.19
CA LEU A 466 -25.13 -11.04 -12.20
C LEU A 466 -25.40 -9.70 -12.85
N LEU A 467 -24.75 -9.42 -13.98
CA LEU A 467 -24.98 -8.15 -14.65
C LEU A 467 -26.38 -8.07 -15.25
N GLN A 468 -26.86 -9.17 -15.81
CA GLN A 468 -28.23 -9.20 -16.30
C GLN A 468 -29.24 -9.16 -15.16
N ALA A 469 -28.82 -9.53 -13.95
CA ALA A 469 -29.71 -9.41 -12.80
C ALA A 469 -29.69 -8.02 -12.18
N LEU A 470 -28.55 -7.34 -12.23
CA LEU A 470 -28.45 -6.03 -11.59
C LEU A 470 -29.16 -4.94 -12.36
N LEU A 471 -29.34 -5.11 -13.66
CA LEU A 471 -29.96 -4.08 -14.47
C LEU A 471 -30.93 -4.71 -15.47
N GLU A 472 -31.81 -5.55 -14.95
CA GLU A 472 -32.90 -6.12 -15.72
C GLU A 472 -34.10 -5.20 -15.84
N TYR A 473 -34.19 -4.16 -15.01
CA TYR A 473 -35.23 -3.16 -15.15
C TYR A 473 -34.89 -2.10 -16.17
N TRP A 474 -33.70 -2.17 -16.76
CA TRP A 474 -33.32 -1.29 -17.84
C TRP A 474 -34.01 -1.72 -19.12
N PRO A 475 -34.79 -0.86 -19.76
CA PRO A 475 -35.50 -1.28 -20.98
C PRO A 475 -34.58 -1.65 -22.14
N ARG A 476 -33.32 -1.18 -22.11
CA ARG A 476 -32.39 -1.50 -23.19
C ARG A 476 -31.94 -2.95 -23.17
N THR A 477 -32.26 -3.70 -22.12
CA THR A 477 -31.81 -5.08 -21.96
C THR A 477 -32.93 -6.09 -22.16
N HIS A 478 -34.07 -5.67 -22.70
CA HIS A 478 -35.21 -6.56 -22.87
C HIS A 478 -35.29 -7.06 -24.31
N VAL A 479 -36.12 -8.08 -24.51
CA VAL A 479 -36.29 -8.69 -25.82
C VAL A 479 -37.70 -8.40 -26.36
N LYS A 502 -36.87 -10.64 -19.76
CA LYS A 502 -36.14 -9.80 -18.82
C LYS A 502 -35.29 -10.64 -17.88
N GLY A 503 -34.04 -10.24 -17.71
CA GLY A 503 -33.16 -10.91 -16.78
C GLY A 503 -32.50 -12.15 -17.35
N ASN A 504 -31.76 -12.83 -16.47
CA ASN A 504 -30.98 -14.00 -16.85
C ASN A 504 -31.77 -15.29 -16.79
N GLY A 505 -32.99 -15.28 -16.27
CA GLY A 505 -33.83 -16.45 -16.29
C GLY A 505 -33.55 -17.46 -15.20
N TYR A 506 -32.60 -17.19 -14.32
CA TYR A 506 -32.25 -18.10 -13.24
C TYR A 506 -32.44 -17.50 -11.85
N PHE A 507 -32.04 -16.25 -11.64
CA PHE A 507 -32.18 -15.63 -10.35
C PHE A 507 -32.41 -14.13 -10.51
N GLN A 508 -32.89 -13.51 -9.44
CA GLN A 508 -33.04 -12.07 -9.38
C GLN A 508 -32.37 -11.55 -8.12
N VAL A 509 -31.77 -10.37 -8.21
CA VAL A 509 -31.27 -9.67 -7.03
C VAL A 509 -32.45 -8.95 -6.40
N PRO A 510 -32.43 -8.65 -5.10
CA PRO A 510 -33.51 -7.87 -4.49
C PRO A 510 -33.66 -6.51 -5.15
N PRO A 511 -34.89 -6.04 -5.34
CA PRO A 511 -35.09 -4.79 -6.08
C PRO A 511 -34.47 -3.58 -5.44
N HIS A 512 -34.20 -3.62 -4.14
CA HIS A 512 -33.62 -2.50 -3.41
C HIS A 512 -32.10 -2.50 -3.45
N THR A 513 -31.50 -3.30 -4.30
CA THR A 513 -30.05 -3.45 -4.31
C THR A 513 -29.41 -2.21 -4.94
N PRO A 514 -28.54 -1.51 -4.24
CA PRO A 514 -27.82 -0.39 -4.85
C PRO A 514 -26.86 -0.89 -5.92
N VAL A 515 -26.99 -0.35 -7.12
CA VAL A 515 -26.07 -0.62 -8.22
C VAL A 515 -25.25 0.65 -8.45
N ILE A 516 -23.93 0.53 -8.35
CA ILE A 516 -23.04 1.67 -8.38
C ILE A 516 -22.11 1.53 -9.58
N PHE A 517 -22.00 2.59 -10.36
CA PHE A 517 -21.03 2.68 -11.45
C PHE A 517 -19.96 3.68 -11.03
N GLY A 518 -18.72 3.22 -10.93
CA GLY A 518 -17.67 4.06 -10.41
C GLY A 518 -16.36 3.88 -11.14
N GLU A 519 -15.30 4.45 -10.57
CA GLU A 519 -13.97 4.38 -11.14
C GLU A 519 -13.01 3.78 -10.13
N ALA A 520 -11.95 3.15 -10.63
CA ALA A 520 -10.90 2.65 -9.77
C ALA A 520 -10.22 3.82 -9.11
N GLY A 521 -10.55 4.07 -7.84
CA GLY A 521 -10.03 5.22 -7.15
C GLY A 521 -11.06 5.85 -6.23
N GLY A 522 -12.31 5.43 -6.35
CA GLY A 522 -13.37 5.89 -5.49
C GLY A 522 -14.30 6.92 -6.10
N ARG A 523 -13.99 7.44 -7.29
CA ARG A 523 -14.85 8.43 -7.91
C ARG A 523 -16.10 7.76 -8.47
N THR A 524 -17.24 8.03 -7.86
CA THR A 524 -18.50 7.39 -8.23
C THR A 524 -19.11 8.14 -9.40
N LEU A 525 -19.45 7.41 -10.45
CA LEU A 525 -20.09 8.02 -11.60
C LEU A 525 -21.59 8.10 -11.43
N PHE A 526 -22.21 6.98 -11.04
CA PHE A 526 -23.66 6.94 -10.90
C PHE A 526 -24.03 5.82 -9.93
N ARG A 527 -25.06 6.08 -9.14
CA ARG A 527 -25.60 5.10 -8.21
C ARG A 527 -27.10 5.04 -8.39
N LEU A 528 -27.65 3.83 -8.42
CA LEU A 528 -29.09 3.66 -8.50
C LEU A 528 -29.48 2.35 -7.86
N LEU A 529 -30.74 2.29 -7.43
CA LEU A 529 -31.33 1.05 -6.99
C LEU A 529 -31.76 0.23 -8.20
N CYS A 530 -31.77 -1.09 -8.04
CA CYS A 530 -32.00 -1.97 -9.18
C CYS A 530 -33.37 -1.72 -9.81
N ARG A 531 -34.34 -1.26 -9.04
CA ARG A 531 -35.69 -1.07 -9.54
C ARG A 531 -35.92 0.29 -10.17
N ASP A 532 -34.99 1.22 -10.03
CA ASP A 532 -35.14 2.56 -10.56
C ASP A 532 -34.60 2.70 -11.98
N SER A 533 -34.08 1.62 -12.56
CA SER A 533 -33.47 1.70 -13.88
C SER A 533 -34.47 1.98 -14.99
N GLY A 534 -35.76 1.82 -14.72
CA GLY A 534 -36.78 2.04 -15.74
C GLY A 534 -37.19 3.47 -15.94
N GLY A 535 -36.84 4.37 -15.02
CA GLY A 535 -37.23 5.75 -15.15
C GLY A 535 -36.44 6.47 -16.24
N GLU A 536 -37.00 7.57 -16.72
CA GLU A 536 -36.36 8.30 -17.80
C GLU A 536 -35.00 8.87 -17.39
N THR A 537 -34.93 9.48 -16.19
CA THR A 537 -33.68 10.06 -15.75
C THR A 537 -32.60 8.99 -15.57
N GLU A 538 -32.97 7.88 -14.94
CA GLU A 538 -32.01 6.81 -14.75
C GLU A 538 -31.65 6.15 -16.07
N SER A 539 -32.60 6.04 -17.00
CA SER A 539 -32.29 5.49 -18.31
C SER A 539 -31.26 6.34 -19.05
N MET A 540 -31.42 7.66 -19.01
CA MET A 540 -30.44 8.52 -19.67
C MET A 540 -29.08 8.46 -18.97
N LEU A 541 -29.07 8.50 -17.64
CA LEU A 541 -27.80 8.44 -16.93
C LEU A 541 -27.11 7.10 -17.14
N LEU A 542 -27.88 6.03 -17.37
CA LEU A 542 -27.26 4.76 -17.74
C LEU A 542 -26.71 4.79 -19.15
N ASN A 543 -27.49 5.35 -20.10
CA ASN A 543 -26.98 5.47 -21.46
C ASN A 543 -25.70 6.28 -21.52
N GLU A 544 -25.49 7.16 -20.55
CA GLU A 544 -24.24 7.90 -20.49
C GLU A 544 -23.16 7.24 -19.66
N THR A 545 -23.51 6.41 -18.69
CA THR A 545 -22.54 5.92 -17.71
C THR A 545 -22.13 4.46 -17.87
N VAL A 546 -23.02 3.60 -18.34
CA VAL A 546 -22.69 2.17 -18.36
C VAL A 546 -21.56 1.92 -19.35
N PRO A 547 -20.52 1.17 -18.97
CA PRO A 547 -19.40 0.94 -19.90
C PRO A 547 -19.75 -0.06 -20.98
N GLN A 548 -18.91 -0.08 -22.01
CA GLN A 548 -19.17 -0.93 -23.16
C GLN A 548 -18.99 -2.41 -22.84
N TRP A 549 -18.12 -2.72 -21.87
CA TRP A 549 -17.95 -4.13 -21.52
C TRP A 549 -19.18 -4.69 -20.85
N VAL A 550 -19.90 -3.86 -20.08
CA VAL A 550 -21.21 -4.28 -19.57
C VAL A 550 -22.22 -4.34 -20.69
N ILE A 551 -22.18 -3.37 -21.61
CA ILE A 551 -23.19 -3.27 -22.67
C ILE A 551 -23.14 -4.48 -23.57
N ASP A 552 -21.93 -4.95 -23.91
CA ASP A 552 -21.80 -6.10 -24.79
C ASP A 552 -22.52 -7.32 -24.20
N ILE A 553 -22.26 -7.62 -22.94
CA ILE A 553 -22.81 -8.83 -22.34
C ILE A 553 -24.29 -8.66 -22.04
N THR A 554 -24.71 -7.48 -21.62
CA THR A 554 -26.08 -7.31 -21.14
C THR A 554 -27.03 -6.79 -22.21
N VAL A 555 -26.61 -5.82 -23.01
CA VAL A 555 -27.49 -5.24 -24.04
C VAL A 555 -27.36 -5.99 -25.36
N ASP A 556 -26.13 -6.24 -25.80
CA ASP A 556 -25.92 -6.93 -27.06
C ASP A 556 -26.04 -8.44 -26.95
N LYS A 557 -26.08 -8.98 -25.73
CA LYS A 557 -26.33 -10.40 -25.46
C LYS A 557 -25.31 -11.32 -26.10
N ASN A 558 -24.11 -10.83 -26.41
CA ASN A 558 -23.10 -11.65 -27.07
C ASN A 558 -22.20 -12.26 -26.00
N MET A 559 -22.13 -13.58 -25.98
CA MET A 559 -21.28 -14.31 -25.05
C MET A 559 -19.98 -14.73 -25.72
N PRO A 560 -19.20 -14.30 -22.82
CA PRO A 560 -17.82 -13.91 -23.06
C PRO A 560 -17.02 -15.04 -23.67
N LYS A 561 -15.70 -14.99 -23.53
CA LYS A 561 -14.83 -15.97 -24.15
C LYS A 561 -14.59 -17.13 -23.19
N PHE A 562 -14.74 -18.35 -23.71
CA PHE A 562 -14.32 -19.52 -22.96
C PHE A 562 -12.82 -19.49 -22.74
N ASN A 563 -12.40 -19.86 -21.55
CA ASN A 563 -10.99 -19.92 -21.21
C ASN A 563 -10.52 -21.37 -21.23
N LYS A 564 -9.37 -21.60 -21.85
CA LYS A 564 -8.85 -22.94 -22.08
C LYS A 564 -7.46 -23.07 -21.48
N ILE A 565 -7.14 -24.26 -20.99
CA ILE A 565 -5.79 -24.54 -20.51
C ILE A 565 -5.19 -25.65 -21.36
N PRO A 566 -3.92 -25.56 -21.73
CA PRO A 566 -3.27 -26.67 -22.42
C PRO A 566 -2.75 -27.69 -21.42
N PHE A 567 -2.72 -28.94 -21.84
CA PHE A 567 -2.27 -29.99 -20.94
C PHE A 567 -1.67 -31.14 -21.72
N TYR A 568 -0.57 -31.67 -21.21
CA TYR A 568 0.09 -32.84 -21.81
C TYR A 568 -0.57 -34.11 -21.29
N LEU A 569 -0.59 -35.12 -22.14
CA LEU A 569 -1.14 -36.43 -21.79
C LEU A 569 -0.19 -37.49 -22.32
N GLN A 570 0.40 -38.27 -21.43
CA GLN A 570 1.49 -39.15 -21.81
C GLN A 570 1.36 -40.45 -21.02
N PRO A 571 1.99 -41.53 -21.47
CA PRO A 571 1.80 -42.83 -20.83
C PRO A 571 2.33 -42.88 -19.41
N HIS A 572 1.76 -43.82 -18.65
CA HIS A 572 2.22 -44.15 -17.30
C HIS A 572 2.49 -45.65 -17.25
N ALA A 573 3.65 -46.02 -16.70
CA ALA A 573 4.08 -47.41 -16.65
C ALA A 573 3.06 -48.29 -15.93
N LYS A 581 2.98 -41.86 -29.02
CA LYS A 581 1.58 -41.66 -28.67
C LYS A 581 1.39 -40.37 -27.88
N LYS A 582 2.50 -39.79 -27.43
CA LYS A 582 2.44 -38.55 -26.67
C LYS A 582 2.04 -37.40 -27.57
N ASP A 583 1.08 -36.60 -27.11
CA ASP A 583 0.62 -35.44 -27.87
C ASP A 583 0.06 -34.41 -26.91
N ARG A 584 0.28 -33.14 -27.24
CA ARG A 584 -0.23 -32.03 -26.44
C ARG A 584 -1.67 -31.73 -26.81
N LEU A 585 -2.49 -31.49 -25.79
CA LEU A 585 -3.90 -31.22 -25.98
C LEU A 585 -4.29 -29.97 -25.22
N SER A 586 -5.37 -29.34 -25.69
CA SER A 586 -5.99 -28.23 -24.98
C SER A 586 -7.49 -28.44 -24.97
N ALA A 587 -8.12 -27.98 -23.89
CA ALA A 587 -9.56 -28.12 -23.74
C ALA A 587 -10.02 -27.05 -22.75
N SER A 588 -11.33 -27.02 -22.51
CA SER A 588 -11.90 -26.00 -21.65
C SER A 588 -11.35 -26.14 -20.23
N ASP A 589 -11.51 -25.08 -19.45
CA ASP A 589 -11.12 -25.16 -18.06
C ASP A 589 -12.05 -26.04 -17.25
N MET A 590 -13.19 -26.42 -17.81
CA MET A 590 -14.28 -27.00 -17.04
C MET A 590 -14.49 -28.48 -17.31
N LEU A 591 -13.87 -29.05 -18.33
CA LEU A 591 -14.28 -30.39 -18.72
C LEU A 591 -13.87 -31.39 -17.65
N GLN A 592 -14.75 -32.34 -17.40
CA GLN A 592 -14.50 -33.34 -16.38
C GLN A 592 -13.43 -34.32 -16.85
N VAL A 593 -12.72 -34.88 -15.87
CA VAL A 593 -11.72 -35.90 -16.17
C VAL A 593 -12.34 -37.09 -16.86
N ARG A 594 -13.67 -37.25 -16.78
CA ARG A 594 -14.35 -38.31 -17.51
C ARG A 594 -14.13 -38.18 -19.00
N LYS A 595 -14.17 -36.95 -19.52
CA LYS A 595 -14.02 -36.75 -20.96
C LYS A 595 -12.59 -37.00 -21.40
N VAL A 596 -11.62 -36.67 -20.57
CA VAL A 596 -10.24 -37.00 -20.88
C VAL A 596 -10.03 -38.50 -20.87
N MET A 597 -10.67 -39.19 -19.92
CA MET A 597 -10.64 -40.65 -19.90
C MET A 597 -11.26 -41.22 -21.16
N GLU A 598 -12.37 -40.66 -21.61
CA GLU A 598 -13.03 -41.14 -22.81
C GLU A 598 -12.16 -40.93 -24.04
N HIS A 599 -11.49 -39.78 -24.12
CA HIS A 599 -10.57 -39.54 -25.22
C HIS A 599 -9.39 -40.50 -25.20
N VAL A 600 -8.85 -40.81 -24.02
CA VAL A 600 -7.72 -41.74 -23.93
C VAL A 600 -8.13 -43.17 -24.28
N TYR A 601 -9.24 -43.64 -23.71
CA TYR A 601 -9.64 -45.02 -23.92
C TYR A 601 -10.08 -45.26 -25.36
N GLU A 602 -10.95 -44.42 -25.88
CA GLU A 602 -11.56 -44.70 -27.18
C GLU A 602 -10.64 -44.39 -28.35
N LYS A 603 -9.48 -43.80 -28.11
CA LYS A 603 -8.62 -43.36 -29.21
C LYS A 603 -7.17 -43.80 -29.11
N ILE A 604 -6.65 -44.08 -27.91
CA ILE A 604 -5.29 -44.56 -27.76
C ILE A 604 -5.23 -46.07 -27.66
N ILE A 605 -6.13 -46.67 -26.89
CA ILE A 605 -6.22 -48.13 -26.76
C ILE A 605 -7.67 -48.53 -27.02
N ASN A 606 -8.00 -48.80 -28.28
CA ASN A 606 -9.37 -49.14 -28.68
C ASN A 606 -9.39 -50.34 -29.61
N LEU A 607 -8.42 -51.24 -29.48
CA LEU A 607 -8.37 -52.42 -30.33
C LEU A 607 -9.44 -53.44 -29.93
N GLU A 629 -24.25 -53.27 -25.29
CA GLU A 629 -23.71 -52.50 -24.18
C GLU A 629 -23.35 -51.09 -24.63
N ASP A 630 -23.59 -50.12 -23.76
CA ASP A 630 -23.26 -48.73 -24.06
C ASP A 630 -21.76 -48.54 -24.18
N ILE A 631 -21.35 -47.66 -25.10
CA ILE A 631 -19.94 -47.42 -25.35
C ILE A 631 -19.30 -46.71 -24.16
N ALA A 632 -20.03 -45.79 -23.53
CA ALA A 632 -19.45 -44.97 -22.46
C ALA A 632 -19.30 -45.73 -21.16
N VAL A 633 -19.98 -46.88 -21.00
CA VAL A 633 -19.90 -47.63 -19.75
C VAL A 633 -18.49 -48.16 -19.54
N LEU A 634 -17.88 -48.72 -20.58
CA LEU A 634 -16.56 -49.32 -20.44
C LEU A 634 -15.46 -48.28 -20.25
N ALA A 635 -15.73 -47.01 -20.56
CA ALA A 635 -14.68 -45.99 -20.48
C ALA A 635 -14.24 -45.74 -19.04
N GLU A 636 -15.20 -45.70 -18.11
CA GLU A 636 -14.87 -45.36 -16.73
C GLU A 636 -14.18 -46.50 -15.98
N GLU A 637 -14.35 -47.74 -16.42
CA GLU A 637 -13.81 -48.90 -15.71
C GLU A 637 -12.59 -49.49 -16.40
N LYS A 638 -12.03 -48.81 -17.38
CA LYS A 638 -10.89 -49.36 -18.14
C LYS A 638 -9.64 -48.51 -18.04
N ILE A 639 -9.77 -47.19 -17.94
CA ILE A 639 -8.64 -46.27 -17.91
C ILE A 639 -8.72 -45.44 -16.63
N GLU A 640 -7.57 -45.20 -16.01
CA GLU A 640 -7.50 -44.40 -14.79
C GLU A 640 -6.42 -43.36 -14.92
N LEU A 641 -6.71 -42.15 -14.46
CA LEU A 641 -5.92 -40.97 -14.77
C LEU A 641 -5.19 -40.47 -13.53
N LEU A 642 -3.93 -40.15 -13.70
CA LEU A 642 -3.03 -39.80 -12.61
C LEU A 642 -2.42 -38.43 -12.84
N CYS A 643 -2.32 -37.63 -11.77
CA CYS A 643 -1.60 -36.37 -11.80
C CYS A 643 -0.72 -36.31 -10.58
N GLN A 644 0.60 -36.36 -10.78
CA GLN A 644 1.57 -36.41 -9.69
C GLN A 644 1.27 -37.56 -8.74
N ASP A 645 1.04 -38.73 -9.32
CA ASP A 645 0.81 -39.97 -8.58
C ASP A 645 -0.43 -39.88 -7.71
N GLN A 646 -1.49 -39.25 -8.22
CA GLN A 646 -2.77 -39.18 -7.54
C GLN A 646 -3.86 -39.55 -8.52
N VAL A 647 -4.67 -40.54 -8.16
CA VAL A 647 -5.79 -40.93 -9.00
C VAL A 647 -6.84 -39.82 -8.97
N LEU A 648 -7.28 -39.40 -10.16
CA LEU A 648 -8.18 -38.27 -10.27
C LEU A 648 -9.63 -38.70 -10.16
N ASP A 649 -10.41 -37.88 -9.46
CA ASP A 649 -11.85 -38.06 -9.43
C ASP A 649 -12.42 -37.81 -10.82
N PRO A 650 -13.20 -38.73 -11.37
CA PRO A 650 -13.71 -38.53 -12.73
C PRO A 650 -14.54 -37.25 -12.90
N ASN A 651 -15.30 -36.85 -11.89
CA ASN A 651 -16.13 -35.67 -11.99
C ASN A 651 -15.36 -34.38 -11.77
N MET A 652 -14.08 -34.47 -11.43
CA MET A 652 -13.27 -33.28 -11.17
C MET A 652 -12.90 -32.60 -12.47
N ASP A 653 -12.92 -31.27 -12.46
CA ASP A 653 -12.56 -30.51 -13.65
C ASP A 653 -11.08 -30.13 -13.65
N LEU A 654 -10.60 -29.69 -14.80
CA LEU A 654 -9.17 -29.47 -14.99
C LEU A 654 -8.66 -28.28 -14.20
N ARG A 655 -9.50 -27.25 -14.00
CA ARG A 655 -9.12 -26.16 -13.10
C ARG A 655 -8.70 -26.69 -11.75
N THR A 656 -9.51 -27.58 -11.17
CA THR A 656 -9.23 -28.10 -9.85
C THR A 656 -7.94 -28.90 -9.82
N VAL A 657 -7.71 -29.71 -10.86
CA VAL A 657 -6.49 -30.50 -10.92
C VAL A 657 -5.28 -29.57 -10.95
N LYS A 658 -5.30 -28.60 -11.86
CA LYS A 658 -4.18 -27.69 -12.00
C LYS A 658 -4.01 -26.79 -10.78
N HIS A 659 -5.06 -26.58 -10.00
CA HIS A 659 -4.94 -25.70 -8.84
C HIS A 659 -4.45 -26.42 -7.60
N PHE A 660 -4.98 -27.62 -7.34
CA PHE A 660 -4.68 -28.34 -6.12
C PHE A 660 -3.67 -29.46 -6.36
N ILE A 661 -3.96 -30.35 -7.31
CA ILE A 661 -3.13 -31.55 -7.47
C ILE A 661 -1.88 -31.24 -8.26
N TRP A 662 -1.83 -30.11 -8.96
CA TRP A 662 -0.63 -29.65 -9.66
C TRP A 662 0.07 -28.59 -8.82
N LYS A 663 1.00 -29.04 -7.99
CA LYS A 663 1.85 -28.15 -7.21
C LYS A 663 3.20 -27.89 -7.88
N SER A 664 3.48 -28.56 -9.00
CA SER A 664 4.72 -28.35 -9.71
C SER A 664 4.61 -27.12 -10.62
N GLY A 665 5.72 -26.79 -11.27
CA GLY A 665 5.76 -25.67 -12.18
C GLY A 665 5.68 -26.12 -13.63
N GLY A 666 5.05 -25.29 -14.45
CA GLY A 666 4.92 -25.58 -15.86
C GLY A 666 3.49 -25.86 -16.29
N ASP A 667 3.34 -26.64 -17.37
CA ASP A 667 2.03 -26.97 -17.90
C ASP A 667 1.55 -28.30 -17.33
N LEU A 668 0.25 -28.41 -17.15
CA LEU A 668 -0.33 -29.60 -16.53
C LEU A 668 -0.08 -30.83 -17.39
N THR A 669 0.32 -31.92 -16.74
CA THR A 669 0.56 -33.18 -17.43
C THR A 669 -0.21 -34.30 -16.72
N LEU A 670 -0.92 -35.11 -17.49
CA LEU A 670 -1.68 -36.23 -16.97
C LEU A 670 -1.10 -37.55 -17.45
N HIS A 671 -1.30 -38.59 -16.66
CA HIS A 671 -0.83 -39.93 -16.98
C HIS A 671 -1.98 -40.92 -16.85
N TYR A 672 -1.97 -41.93 -17.71
CA TYR A 672 -3.05 -42.89 -17.81
C TYR A 672 -2.52 -44.32 -17.66
N ARG A 673 -3.31 -45.16 -16.99
CA ARG A 673 -2.99 -46.57 -16.85
C ARG A 673 -4.26 -47.39 -16.99
N GLN A 674 -4.10 -48.64 -17.42
CA GLN A 674 -5.21 -49.55 -17.51
C GLN A 674 -5.50 -50.15 -16.13
N LYS A 675 -6.78 -50.33 -15.83
CA LYS A 675 -7.20 -50.96 -14.58
C LYS A 675 -6.58 -52.35 -14.41
N GLU B 75 58.14 5.53 -14.05
CA GLU B 75 57.90 4.37 -14.91
C GLU B 75 57.99 3.07 -14.13
N ASN B 76 57.56 3.11 -12.88
CA ASN B 76 57.58 1.95 -11.99
C ASN B 76 56.16 1.58 -11.58
N LEU B 77 55.95 0.27 -11.38
CA LEU B 77 54.64 -0.24 -10.99
C LEU B 77 54.41 0.01 -9.50
N LEU B 78 53.36 -0.58 -8.96
CA LEU B 78 53.05 -0.47 -7.55
C LEU B 78 52.86 -1.85 -6.94
N PRO B 79 53.16 -2.01 -5.65
CA PRO B 79 53.02 -3.33 -5.03
C PRO B 79 51.63 -3.90 -5.11
N PHE B 80 50.62 -3.04 -5.01
CA PHE B 80 49.24 -3.47 -5.02
C PHE B 80 48.83 -3.92 -6.42
N VAL B 81 48.10 -5.02 -6.49
CA VAL B 81 47.95 -5.77 -7.73
C VAL B 81 46.49 -5.78 -8.16
N GLY B 82 46.25 -5.53 -9.44
CA GLY B 82 44.92 -5.53 -10.00
C GLY B 82 44.58 -6.85 -10.64
N LEU B 83 43.58 -6.82 -11.51
CA LEU B 83 43.10 -8.00 -12.20
C LEU B 83 43.24 -7.78 -13.71
N ASN B 84 42.66 -8.66 -14.50
CA ASN B 84 42.74 -8.59 -15.94
C ASN B 84 41.34 -8.47 -16.54
N ASN B 85 41.28 -7.85 -17.71
CA ASN B 85 39.97 -7.62 -18.33
C ASN B 85 39.30 -8.93 -18.71
N LEU B 86 40.06 -9.86 -19.28
CA LEU B 86 39.60 -11.23 -19.53
C LEU B 86 38.38 -11.29 -20.44
N GLY B 87 38.03 -10.16 -21.06
CA GLY B 87 36.80 -10.04 -21.82
C GLY B 87 36.12 -8.74 -21.50
N ASN B 88 34.90 -8.81 -20.98
CA ASN B 88 34.17 -7.63 -20.53
C ASN B 88 33.95 -7.69 -19.02
N THR B 89 35.00 -8.04 -18.29
CA THR B 89 34.94 -8.23 -16.84
C THR B 89 35.55 -7.01 -16.16
N CYS B 90 34.71 -6.03 -15.85
CA CYS B 90 35.16 -4.85 -15.13
C CYS B 90 34.25 -4.62 -13.93
N TYR B 91 33.01 -5.09 -14.05
CA TYR B 91 32.10 -5.09 -12.90
C TYR B 91 32.63 -6.01 -11.80
N LEU B 92 32.97 -7.24 -12.17
CA LEU B 92 33.46 -8.21 -11.21
C LEU B 92 34.80 -7.77 -10.63
N ASN B 93 35.70 -7.25 -11.45
CA ASN B 93 36.99 -6.80 -10.95
C ASN B 93 36.83 -5.67 -9.93
N SER B 94 35.93 -4.74 -10.23
CA SER B 94 35.69 -3.63 -9.31
C SER B 94 35.17 -4.12 -7.97
N ILE B 95 34.19 -5.01 -8.00
CA ILE B 95 33.64 -5.54 -6.75
C ILE B 95 34.70 -6.32 -5.99
N LEU B 96 35.53 -7.09 -6.69
CA LEU B 96 36.56 -7.87 -6.04
C LEU B 96 37.64 -7.02 -5.39
N GLN B 97 38.08 -5.96 -6.08
CA GLN B 97 39.04 -5.06 -5.45
C GLN B 97 38.44 -4.25 -4.30
N VAL B 98 37.15 -3.96 -4.34
CA VAL B 98 36.52 -3.35 -3.17
C VAL B 98 36.50 -4.32 -2.01
N LEU B 99 36.07 -5.55 -2.27
CA LEU B 99 35.75 -6.51 -1.23
C LEU B 99 37.01 -7.19 -0.68
N TYR B 100 38.11 -7.11 -1.41
CA TYR B 100 39.40 -7.53 -0.91
C TYR B 100 39.94 -6.57 0.14
N PHE B 101 39.46 -5.33 0.15
CA PHE B 101 39.89 -4.33 1.10
C PHE B 101 38.89 -4.10 2.22
N CYS B 102 37.85 -4.94 2.33
CA CYS B 102 36.92 -4.81 3.43
C CYS B 102 37.60 -5.20 4.74
N PRO B 103 37.12 -4.66 5.88
CA PRO B 103 37.84 -4.86 7.15
C PRO B 103 38.07 -6.32 7.51
N GLY B 104 37.14 -7.22 7.22
CA GLY B 104 37.32 -8.60 7.63
C GLY B 104 36.84 -9.63 6.66
N PHE B 105 36.81 -9.29 5.37
CA PHE B 105 36.37 -10.25 4.37
C PHE B 105 37.41 -11.33 4.12
N LYS B 106 38.68 -10.94 4.01
CA LYS B 106 39.73 -11.91 3.71
C LYS B 106 39.87 -12.95 4.81
N SER B 107 39.91 -12.50 6.07
CA SER B 107 40.08 -13.42 7.18
C SER B 107 38.89 -14.37 7.29
N GLY B 108 37.69 -13.84 7.08
CA GLY B 108 36.51 -14.69 7.13
C GLY B 108 36.50 -15.73 6.04
N VAL B 109 36.87 -15.33 4.82
CA VAL B 109 36.90 -16.29 3.72
C VAL B 109 37.98 -17.34 3.97
N LYS B 110 39.11 -16.94 4.55
CA LYS B 110 40.14 -17.91 4.86
C LYS B 110 39.67 -18.91 5.91
N HIS B 111 38.93 -18.44 6.92
CA HIS B 111 38.38 -19.36 7.91
C HIS B 111 37.37 -20.32 7.28
N LEU B 112 36.49 -19.80 6.43
CA LEU B 112 35.51 -20.67 5.78
C LEU B 112 36.20 -21.69 4.89
N PHE B 113 37.25 -21.28 4.20
CA PHE B 113 38.02 -22.22 3.38
C PHE B 113 38.75 -23.23 4.24
N ASN B 114 39.20 -22.86 5.43
CA ASN B 114 39.78 -23.82 6.35
C ASN B 114 38.76 -24.88 6.72
N ILE B 115 37.54 -24.45 7.01
CA ILE B 115 36.48 -25.41 7.33
C ILE B 115 36.19 -26.32 6.14
N ILE B 116 36.11 -25.75 4.94
CA ILE B 116 35.77 -26.56 3.77
C ILE B 116 36.91 -27.53 3.45
N SER B 117 38.16 -27.10 3.62
CA SER B 117 39.29 -27.99 3.39
C SER B 117 39.30 -29.14 4.38
N ARG B 118 39.02 -28.85 5.66
CA ARG B 118 38.94 -29.91 6.64
C ARG B 118 37.80 -30.86 6.33
N LYS B 119 36.66 -30.33 5.90
CA LYS B 119 35.52 -31.18 5.55
C LYS B 119 35.86 -32.08 4.36
N LYS B 120 36.53 -31.53 3.35
CA LYS B 120 36.91 -32.33 2.19
C LYS B 120 37.91 -33.41 2.58
N GLU B 121 38.89 -33.07 3.42
CA GLU B 121 39.86 -34.06 3.87
C GLU B 121 39.18 -35.14 4.71
N ALA B 122 38.11 -34.79 5.42
CA ALA B 122 37.36 -35.79 6.17
C ALA B 122 36.71 -36.81 5.26
N LEU B 123 36.17 -36.37 4.13
CA LEU B 123 35.58 -37.28 3.16
C LEU B 123 36.64 -38.11 2.46
N LEU B 140 31.68 -29.65 -3.73
CA LEU B 140 30.29 -29.37 -4.03
C LEU B 140 30.19 -28.01 -4.71
N ALA B 141 29.09 -27.79 -5.44
CA ALA B 141 28.95 -26.58 -6.24
C ALA B 141 28.96 -25.32 -5.37
N SER B 142 28.30 -25.38 -4.21
CA SER B 142 28.23 -24.21 -3.34
C SER B 142 29.61 -23.82 -2.82
N TYR B 143 30.43 -24.81 -2.45
CA TYR B 143 31.77 -24.54 -1.93
C TYR B 143 32.71 -24.04 -3.01
N GLU B 144 32.33 -24.13 -4.28
CA GLU B 144 33.22 -23.71 -5.36
C GLU B 144 33.49 -22.21 -5.30
N LEU B 145 32.50 -21.42 -4.90
CA LEU B 145 32.72 -19.98 -4.80
C LEU B 145 33.76 -19.66 -3.74
N ILE B 146 33.68 -20.31 -2.59
CA ILE B 146 34.64 -20.03 -1.53
C ILE B 146 36.03 -20.48 -1.94
N CYS B 147 36.13 -21.64 -2.59
CA CYS B 147 37.44 -22.09 -3.05
C CYS B 147 38.02 -21.16 -4.10
N SER B 148 37.19 -20.67 -5.02
CA SER B 148 37.64 -19.74 -6.03
C SER B 148 38.10 -18.42 -5.41
N LEU B 149 37.34 -17.90 -4.45
CA LEU B 149 37.74 -16.68 -3.78
C LEU B 149 39.05 -16.86 -3.04
N GLN B 150 39.23 -17.99 -2.36
CA GLN B 150 40.47 -18.23 -1.66
C GLN B 150 41.65 -18.31 -2.63
N SER B 151 41.45 -18.97 -3.77
CA SER B 151 42.51 -19.04 -4.77
C SER B 151 42.86 -17.66 -5.30
N LEU B 152 41.84 -16.85 -5.58
CA LEU B 152 42.06 -15.48 -6.04
C LEU B 152 42.84 -14.67 -5.03
N ILE B 153 42.44 -14.76 -3.75
CA ILE B 153 43.08 -13.95 -2.72
C ILE B 153 44.52 -14.39 -2.51
N ILE B 154 44.76 -15.70 -2.46
CA ILE B 154 46.13 -16.16 -2.28
C ILE B 154 47.00 -15.75 -3.46
N SER B 155 46.44 -15.80 -4.69
CA SER B 155 47.19 -15.35 -5.85
C SER B 155 47.53 -13.88 -5.77
N VAL B 156 46.55 -13.05 -5.41
CA VAL B 156 46.79 -11.62 -5.28
C VAL B 156 47.90 -11.34 -4.27
N GLU B 157 47.79 -11.93 -3.08
CA GLU B 157 48.76 -11.59 -2.05
C GLU B 157 50.14 -12.16 -2.36
N GLN B 158 50.23 -13.37 -2.92
CA GLN B 158 51.55 -13.91 -3.20
C GLN B 158 52.20 -13.17 -4.37
N LEU B 159 51.41 -12.73 -5.34
CA LEU B 159 51.98 -11.94 -6.42
C LEU B 159 52.49 -10.59 -5.93
N GLN B 160 51.73 -9.95 -5.04
CA GLN B 160 52.20 -8.71 -4.45
C GLN B 160 53.50 -8.91 -3.68
N ALA B 161 53.56 -9.97 -2.86
CA ALA B 161 54.78 -10.23 -2.11
C ALA B 161 55.96 -10.49 -3.04
N SER B 162 55.75 -11.30 -4.08
CA SER B 162 56.81 -11.59 -5.03
C SER B 162 57.28 -10.32 -5.73
N PHE B 163 56.36 -9.39 -5.98
CA PHE B 163 56.77 -8.09 -6.49
C PHE B 163 57.67 -7.38 -5.49
N LEU B 164 57.32 -7.45 -4.21
CA LEU B 164 58.14 -6.79 -3.20
C LEU B 164 59.55 -7.35 -3.10
N LEU B 165 59.74 -8.67 -3.19
CA LEU B 165 61.11 -9.18 -3.07
C LEU B 165 61.80 -9.45 -4.39
N ASN B 166 61.07 -9.46 -5.51
CA ASN B 166 61.68 -9.61 -6.84
C ASN B 166 61.06 -8.60 -7.79
N PRO B 167 61.36 -7.32 -7.62
CA PRO B 167 60.72 -6.29 -8.47
C PRO B 167 61.00 -6.45 -9.94
N GLU B 168 62.18 -6.94 -10.31
CA GLU B 168 62.53 -7.07 -11.71
C GLU B 168 61.91 -8.30 -12.37
N LYS B 169 61.38 -9.24 -11.59
CA LYS B 169 60.75 -10.42 -12.17
C LYS B 169 59.54 -10.05 -13.01
N TYR B 170 58.93 -8.89 -12.76
CA TYR B 170 57.79 -8.41 -13.51
C TYR B 170 58.11 -7.01 -14.01
N THR B 171 57.81 -6.74 -15.27
CA THR B 171 58.24 -5.51 -15.92
C THR B 171 57.13 -4.63 -16.44
N ASP B 172 56.11 -5.21 -17.09
CA ASP B 172 55.10 -4.42 -17.77
C ASP B 172 53.84 -4.22 -16.94
N GLU B 173 53.23 -5.30 -16.46
CA GLU B 173 52.00 -5.21 -15.68
C GLU B 173 52.10 -6.15 -14.49
N LEU B 174 51.37 -5.80 -13.43
CA LEU B 174 51.28 -6.62 -12.23
C LEU B 174 49.80 -6.91 -12.03
N ALA B 175 49.34 -8.06 -12.52
CA ALA B 175 47.92 -8.38 -12.44
C ALA B 175 47.73 -9.88 -12.56
N THR B 176 46.58 -10.33 -12.09
CA THR B 176 46.16 -11.72 -12.16
C THR B 176 44.83 -11.77 -12.91
N GLN B 177 44.22 -12.96 -12.92
CA GLN B 177 42.99 -13.15 -13.65
C GLN B 177 42.03 -14.09 -12.93
N PRO B 178 40.81 -13.67 -12.67
CA PRO B 178 39.80 -14.51 -12.04
C PRO B 178 39.05 -15.39 -13.04
N ARG B 179 39.78 -16.30 -13.68
CA ARG B 179 39.11 -17.28 -14.54
C ARG B 179 38.20 -18.18 -13.72
N ARG B 180 38.76 -18.79 -12.66
CA ARG B 180 37.99 -19.74 -11.87
C ARG B 180 36.75 -19.09 -11.27
N LEU B 181 36.90 -17.89 -10.73
CA LEU B 181 35.78 -17.24 -10.07
C LEU B 181 34.68 -16.91 -11.07
N LEU B 182 35.06 -16.50 -12.27
CA LEU B 182 34.04 -16.21 -13.27
C LEU B 182 33.32 -17.46 -13.71
N ASN B 183 34.06 -18.56 -13.90
CA ASN B 183 33.40 -19.82 -14.24
C ASN B 183 32.46 -20.27 -13.12
N THR B 184 32.87 -20.08 -11.87
CA THR B 184 32.04 -20.47 -10.73
C THR B 184 30.76 -19.65 -10.68
N LEU B 185 30.86 -18.33 -10.84
CA LEU B 185 29.65 -17.52 -10.86
C LEU B 185 28.80 -17.85 -12.07
N ARG B 186 29.43 -18.20 -13.18
CA ARG B 186 28.71 -18.56 -14.39
C ARG B 186 27.89 -19.82 -14.17
N GLU B 187 28.44 -20.79 -13.44
CA GLU B 187 27.67 -21.96 -13.05
C GLU B 187 26.55 -21.57 -12.09
N LEU B 188 26.88 -20.83 -11.03
CA LEU B 188 25.90 -20.48 -10.01
C LEU B 188 24.91 -19.43 -10.47
N ASN B 189 25.16 -18.79 -11.60
CA ASN B 189 24.21 -17.88 -12.23
C ASN B 189 24.43 -17.86 -13.73
N PRO B 190 23.49 -18.37 -14.52
CA PRO B 190 23.70 -18.43 -15.98
C PRO B 190 23.70 -17.09 -16.65
N MET B 191 23.36 -16.02 -15.92
CA MET B 191 23.38 -14.68 -16.50
C MET B 191 24.77 -14.31 -17.00
N TYR B 192 25.81 -14.80 -16.32
CA TYR B 192 27.19 -14.45 -16.63
C TYR B 192 27.81 -15.40 -17.65
N GLU B 193 26.99 -16.03 -18.49
CA GLU B 193 27.48 -16.86 -19.57
C GLU B 193 27.91 -15.97 -20.74
N GLY B 194 29.18 -16.05 -21.11
CA GLY B 194 29.67 -15.28 -22.22
C GLY B 194 30.57 -14.14 -21.80
N TYR B 195 30.62 -13.10 -22.62
CA TYR B 195 31.48 -11.94 -22.41
C TYR B 195 30.70 -10.65 -22.60
N LEU B 196 29.52 -10.58 -22.00
CA LEU B 196 28.66 -9.40 -22.12
C LEU B 196 28.69 -8.58 -20.85
N GLN B 197 28.31 -7.32 -20.98
CA GLN B 197 28.43 -6.35 -19.90
C GLN B 197 27.31 -6.53 -18.88
N HIS B 198 27.68 -6.50 -17.61
CA HIS B 198 26.78 -6.79 -16.50
C HIS B 198 26.83 -5.66 -15.49
N ASP B 199 25.99 -5.78 -14.47
CA ASP B 199 25.92 -4.83 -13.37
C ASP B 199 26.88 -5.24 -12.26
N ALA B 200 27.41 -4.24 -11.55
CA ALA B 200 28.38 -4.51 -10.49
C ALA B 200 27.70 -4.79 -9.17
N GLN B 201 26.64 -4.04 -8.85
CA GLN B 201 25.92 -4.28 -7.62
C GLN B 201 25.27 -5.65 -7.63
N GLU B 202 24.77 -6.07 -8.79
CA GLU B 202 24.16 -7.40 -8.90
C GLU B 202 25.19 -8.50 -8.66
N VAL B 203 26.41 -8.32 -9.16
CA VAL B 203 27.45 -9.32 -8.94
C VAL B 203 27.88 -9.34 -7.48
N LEU B 204 27.99 -8.18 -6.86
CA LEU B 204 28.28 -8.14 -5.43
C LEU B 204 27.19 -8.85 -4.64
N GLN B 205 25.93 -8.60 -4.99
CA GLN B 205 24.82 -9.24 -4.31
C GLN B 205 24.85 -10.74 -4.50
N CYS B 206 25.16 -11.21 -5.71
CA CYS B 206 25.25 -12.62 -5.99
C CYS B 206 26.35 -13.28 -5.17
N ILE B 207 27.54 -12.67 -5.13
CA ILE B 207 28.65 -13.24 -4.38
C ILE B 207 28.31 -13.29 -2.90
N LEU B 208 27.78 -12.20 -2.36
CA LEU B 208 27.46 -12.17 -0.93
C LEU B 208 26.37 -13.17 -0.57
N GLY B 209 25.32 -13.24 -1.39
CA GLY B 209 24.25 -14.19 -1.11
C GLY B 209 24.71 -15.64 -1.20
N ASN B 210 25.57 -15.94 -2.17
CA ASN B 210 26.09 -17.30 -2.28
C ASN B 210 26.97 -17.64 -1.09
N ILE B 211 27.80 -16.70 -0.64
CA ILE B 211 28.60 -16.94 0.56
C ILE B 211 27.69 -17.19 1.76
N GLN B 212 26.64 -16.39 1.89
CA GLN B 212 25.74 -16.53 3.03
C GLN B 212 25.03 -17.87 3.01
N GLU B 213 24.59 -18.32 1.83
CA GLU B 213 23.88 -19.59 1.77
C GLU B 213 24.82 -20.77 2.01
N THR B 214 26.04 -20.71 1.48
CA THR B 214 27.02 -21.74 1.82
C THR B 214 27.29 -21.77 3.30
N CYS B 215 27.34 -20.59 3.93
CA CYS B 215 27.73 -20.52 5.33
C CYS B 215 26.60 -21.05 6.22
N GLN B 216 25.35 -20.74 5.87
CA GLN B 216 24.22 -21.31 6.59
C GLN B 216 24.16 -22.83 6.41
N LEU B 217 24.40 -23.30 5.18
CA LEU B 217 24.42 -24.74 4.94
C LEU B 217 25.50 -25.41 5.79
N LEU B 218 26.68 -24.80 5.86
CA LEU B 218 27.79 -25.38 6.61
C LEU B 218 27.51 -25.37 8.10
N LYS B 219 26.89 -24.30 8.61
CA LYS B 219 26.52 -24.26 10.02
C LYS B 219 25.47 -25.31 10.35
N LYS B 220 24.50 -25.52 9.45
CA LYS B 220 23.54 -26.58 9.64
C LYS B 220 24.22 -27.95 9.67
N GLU B 221 25.16 -28.17 8.75
CA GLU B 221 25.89 -29.44 8.74
C GLU B 221 26.69 -29.63 10.03
N GLU B 222 27.27 -28.55 10.54
CA GLU B 222 28.04 -28.66 11.78
C GLU B 222 27.14 -28.99 12.97
N VAL B 223 26.03 -28.25 13.12
CA VAL B 223 25.13 -28.53 14.24
C VAL B 223 24.51 -29.91 14.12
N LYS B 224 24.44 -30.45 12.90
CA LYS B 224 24.08 -31.86 12.75
C LYS B 224 25.11 -32.75 13.41
N ASN B 225 26.39 -32.41 13.28
CA ASN B 225 27.46 -33.16 13.93
C ASN B 225 27.63 -32.73 15.37
N ILE B 421 32.21 -18.62 15.35
CA ILE B 421 32.07 -17.18 15.20
C ILE B 421 32.22 -16.78 13.74
N GLY B 422 32.76 -17.68 12.93
CA GLY B 422 32.96 -17.44 11.52
C GLY B 422 31.78 -17.73 10.64
N PHE B 423 30.67 -18.19 11.20
CA PHE B 423 29.49 -18.52 10.41
C PHE B 423 28.60 -17.33 10.14
N GLU B 424 28.94 -16.15 10.66
CA GLU B 424 28.21 -14.93 10.41
C GLU B 424 29.20 -13.90 9.87
N LEU B 425 29.45 -13.98 8.57
CA LEU B 425 30.36 -13.07 7.88
C LEU B 425 29.61 -12.01 7.09
N VAL B 426 28.74 -12.44 6.18
CA VAL B 426 27.88 -11.51 5.49
C VAL B 426 26.92 -10.85 6.49
N GLU B 427 26.39 -11.64 7.42
CA GLU B 427 25.42 -11.12 8.39
C GLU B 427 26.04 -10.03 9.27
N LYS B 428 27.26 -10.27 9.73
CA LYS B 428 27.91 -9.33 10.64
C LYS B 428 28.46 -8.11 9.91
N LEU B 429 28.93 -8.29 8.67
CA LEU B 429 29.76 -7.30 8.02
C LEU B 429 29.07 -6.54 6.90
N PHE B 430 27.95 -7.04 6.39
CA PHE B 430 27.21 -6.37 5.32
C PHE B 430 25.72 -6.29 5.55
N GLN B 431 25.19 -6.85 6.62
CA GLN B 431 23.76 -6.99 6.81
C GLN B 431 23.31 -6.18 8.02
N GLY B 432 22.20 -5.47 7.85
CA GLY B 432 21.65 -4.68 8.93
C GLY B 432 20.14 -4.79 8.95
N GLN B 433 19.56 -4.43 10.08
CA GLN B 433 18.14 -4.58 10.31
C GLN B 433 17.48 -3.21 10.13
N LEU B 434 16.27 -3.21 9.59
CA LEU B 434 15.57 -1.99 9.25
C LEU B 434 14.19 -2.02 9.88
N VAL B 435 13.73 -0.87 10.38
CA VAL B 435 12.41 -0.74 10.96
C VAL B 435 11.59 0.21 10.10
N LEU B 436 10.43 -0.25 9.66
CA LEU B 436 9.57 0.52 8.75
C LEU B 436 8.27 0.82 9.47
N ARG B 437 8.14 2.05 9.96
CA ARG B 437 6.94 2.50 10.64
C ARG B 437 5.97 3.08 9.62
N THR B 438 4.71 2.68 9.70
CA THR B 438 3.64 3.28 8.91
C THR B 438 2.57 3.79 9.86
N ARG B 439 2.12 5.02 9.63
CA ARG B 439 1.16 5.68 10.48
C ARG B 439 -0.03 6.13 9.66
N CYS B 440 -1.20 5.55 9.93
CA CYS B 440 -2.43 6.00 9.29
C CYS B 440 -2.73 7.43 9.74
N LEU B 441 -3.19 8.25 8.80
CA LEU B 441 -3.51 9.63 9.13
C LEU B 441 -4.97 9.81 9.53
N GLU B 442 -5.74 8.72 9.57
CA GLU B 442 -7.10 8.75 10.08
C GLU B 442 -7.16 8.36 11.55
N CYS B 443 -6.66 7.17 11.89
CA CYS B 443 -6.66 6.69 13.27
C CYS B 443 -5.35 6.91 13.99
N GLU B 444 -4.28 7.23 13.26
CA GLU B 444 -2.96 7.49 13.84
C GLU B 444 -2.44 6.31 14.63
N SER B 445 -2.64 5.11 14.09
CA SER B 445 -2.19 3.86 14.68
C SER B 445 -0.97 3.36 13.90
N LEU B 446 0.12 3.13 14.61
CA LEU B 446 1.38 2.75 14.01
C LEU B 446 1.46 1.25 13.79
N THR B 447 2.18 0.86 12.76
CA THR B 447 2.47 -0.54 12.49
C THR B 447 3.94 -0.68 12.18
N GLU B 448 4.56 -1.73 12.73
CA GLU B 448 6.00 -1.92 12.67
C GLU B 448 6.29 -3.09 11.73
N ARG B 449 7.20 -2.87 10.78
CA ARG B 449 7.75 -3.95 9.98
C ARG B 449 9.26 -3.96 10.14
N ARG B 450 9.80 -5.10 10.51
CA ARG B 450 11.24 -5.27 10.68
C ARG B 450 11.77 -6.06 9.49
N GLU B 451 12.52 -5.40 8.63
CA GLU B 451 13.12 -6.03 7.48
C GLU B 451 14.63 -5.89 7.53
N ASP B 452 15.27 -6.54 6.57
CA ASP B 452 16.71 -6.67 6.48
C ASP B 452 17.21 -5.91 5.27
N PHE B 453 18.48 -5.52 5.28
CA PHE B 453 19.09 -4.86 4.15
C PHE B 453 20.57 -5.20 4.04
N GLN B 454 21.01 -5.47 2.82
CA GLN B 454 22.42 -5.54 2.47
C GLN B 454 22.96 -4.19 2.02
N ASP B 455 22.16 -3.43 1.27
CA ASP B 455 22.58 -2.17 0.72
C ASP B 455 21.51 -1.12 1.00
N ILE B 456 21.94 0.14 1.02
CA ILE B 456 21.05 1.26 1.19
C ILE B 456 20.87 1.87 -0.19
N SER B 457 19.69 1.68 -0.78
CA SER B 457 19.45 2.10 -2.14
C SER B 457 18.86 3.50 -2.14
N VAL B 458 19.48 4.40 -2.89
CA VAL B 458 19.34 5.83 -2.66
C VAL B 458 19.13 6.61 -3.96
N PRO B 459 18.14 7.49 -4.03
CA PRO B 459 18.00 8.36 -5.21
C PRO B 459 19.12 9.39 -5.31
N VAL B 460 19.37 9.83 -6.53
CA VAL B 460 20.41 10.82 -6.79
C VAL B 460 19.88 12.14 -7.32
N GLN B 461 18.59 12.23 -7.64
CA GLN B 461 18.00 13.49 -8.03
C GLN B 461 16.52 13.50 -7.71
N GLU B 462 15.95 14.70 -7.61
CA GLU B 462 14.55 14.84 -7.29
C GLU B 462 13.68 14.49 -8.49
N ASP B 463 12.44 14.14 -8.21
CA ASP B 463 11.48 13.75 -9.24
C ASP B 463 11.17 14.92 -10.17
N MET B 482 22.86 21.02 -6.51
CA MET B 482 23.88 20.46 -5.62
C MET B 482 23.23 19.78 -4.42
N LYS B 483 23.00 18.47 -4.55
CA LYS B 483 22.40 17.69 -3.49
C LYS B 483 23.45 16.86 -2.77
N THR B 484 23.17 16.52 -1.53
CA THR B 484 24.12 15.85 -0.66
C THR B 484 23.66 14.42 -0.40
N LEU B 485 24.56 13.63 0.21
CA LEU B 485 24.20 12.28 0.60
C LEU B 485 23.22 12.29 1.76
N ARG B 486 23.27 13.31 2.61
CA ARG B 486 22.29 13.42 3.69
C ARG B 486 20.88 13.61 3.12
N TRP B 487 20.73 14.47 2.11
CA TRP B 487 19.43 14.66 1.49
C TRP B 487 18.91 13.36 0.91
N ALA B 488 19.79 12.57 0.32
CA ALA B 488 19.38 11.37 -0.37
C ALA B 488 19.02 10.26 0.60
N ILE B 489 19.81 10.09 1.66
CA ILE B 489 19.44 9.15 2.72
C ILE B 489 18.12 9.58 3.36
N SER B 490 17.90 10.89 3.51
CA SER B 490 16.64 11.37 4.05
C SER B 490 15.47 10.99 3.13
N GLN B 491 15.67 11.16 1.82
CA GLN B 491 14.65 10.75 0.86
C GLN B 491 14.38 9.25 0.93
N PHE B 492 15.38 8.46 1.32
CA PHE B 492 15.20 7.03 1.50
C PHE B 492 14.55 6.66 2.83
N ALA B 493 14.75 7.46 3.89
CA ALA B 493 14.46 6.96 5.23
C ALA B 493 13.72 7.94 6.12
N SER B 494 13.44 9.16 5.66
CA SER B 494 12.66 10.10 6.45
C SER B 494 11.18 9.94 6.15
N VAL B 495 10.37 10.72 6.85
CA VAL B 495 8.93 10.54 6.79
C VAL B 495 8.42 10.91 5.41
N GLU B 496 7.65 10.02 4.80
CA GLU B 496 7.05 10.22 3.50
C GLU B 496 5.56 10.00 3.61
N ARG B 497 4.78 10.86 2.96
CA ARG B 497 3.34 10.75 2.95
C ARG B 497 2.87 9.99 1.72
N ILE B 498 1.93 9.08 1.91
CA ILE B 498 1.36 8.29 0.84
C ILE B 498 -0.03 8.83 0.56
N VAL B 499 -0.21 9.49 -0.58
CA VAL B 499 -1.45 10.18 -0.91
C VAL B 499 -1.85 9.84 -2.33
N GLY B 500 -3.11 10.10 -2.64
CA GLY B 500 -3.56 10.03 -4.01
C GLY B 500 -3.76 8.61 -4.46
N GLU B 501 -3.20 8.26 -5.62
CA GLU B 501 -3.33 6.92 -6.14
C GLU B 501 -2.70 5.89 -5.20
N ASP B 502 -1.55 6.22 -4.63
CA ASP B 502 -0.94 5.43 -3.58
C ASP B 502 -1.60 5.83 -2.27
N LYS B 503 -2.40 4.95 -1.71
CA LYS B 503 -3.07 5.19 -0.44
C LYS B 503 -2.95 3.94 0.41
N TYR B 504 -2.63 4.13 1.68
CA TYR B 504 -2.51 3.01 2.59
C TYR B 504 -3.86 2.40 2.86
N PHE B 505 -3.94 1.07 2.78
CA PHE B 505 -5.11 0.35 3.25
C PHE B 505 -4.92 0.04 4.73
N CYS B 506 -5.81 0.55 5.56
CA CYS B 506 -5.71 0.40 6.99
C CYS B 506 -6.68 -0.69 7.44
N GLU B 507 -6.15 -1.71 8.12
CA GLU B 507 -7.00 -2.74 8.68
C GLU B 507 -7.74 -2.26 9.92
N ASN B 508 -7.29 -1.18 10.54
CA ASN B 508 -8.05 -0.57 11.64
C ASN B 508 -9.27 0.17 11.11
N CYS B 509 -9.11 0.92 10.02
CA CYS B 509 -10.23 1.64 9.41
C CYS B 509 -10.96 0.82 8.38
N HIS B 510 -10.37 -0.28 7.91
CA HIS B 510 -10.91 -1.06 6.81
C HIS B 510 -11.17 -0.16 5.60
N HIS B 511 -10.18 0.68 5.30
CA HIS B 511 -10.36 1.76 4.35
C HIS B 511 -9.02 2.20 3.82
N TYR B 512 -9.04 2.86 2.67
CA TYR B 512 -7.85 3.45 2.09
C TYR B 512 -7.66 4.84 2.67
N THR B 513 -6.52 5.08 3.30
CA THR B 513 -6.23 6.32 3.96
C THR B 513 -4.84 6.81 3.59
N GLU B 514 -4.62 8.10 3.73
CA GLU B 514 -3.28 8.65 3.66
C GLU B 514 -2.48 8.18 4.86
N ALA B 515 -1.18 7.95 4.65
CA ALA B 515 -0.32 7.47 5.72
C ALA B 515 1.05 8.11 5.59
N GLU B 516 1.84 7.92 6.64
CA GLU B 516 3.22 8.39 6.71
C GLU B 516 4.12 7.21 6.99
N ARG B 517 5.12 7.00 6.14
CA ARG B 517 6.11 5.96 6.37
C ARG B 517 7.45 6.58 6.77
N SER B 518 8.13 5.92 7.69
CA SER B 518 9.47 6.29 8.09
C SER B 518 10.30 5.02 8.21
N LEU B 519 11.55 5.09 7.76
CA LEU B 519 12.48 3.98 7.83
C LEU B 519 13.58 4.34 8.82
N LEU B 520 13.76 3.51 9.83
CA LEU B 520 14.81 3.73 10.82
C LEU B 520 15.75 2.53 10.83
N PHE B 521 16.98 2.78 11.27
CA PHE B 521 18.03 1.78 11.32
C PHE B 521 18.10 1.20 12.72
N ASP B 522 17.94 -0.12 12.84
CA ASP B 522 18.00 -0.79 14.12
C ASP B 522 19.38 -1.40 14.37
N LYS B 523 19.80 -2.33 13.53
CA LYS B 523 21.11 -2.95 13.61
C LYS B 523 21.97 -2.48 12.45
N MET B 524 23.27 -2.33 12.71
CA MET B 524 24.16 -1.60 11.82
C MET B 524 25.29 -2.50 11.37
N PRO B 525 25.45 -2.77 10.08
CA PRO B 525 26.57 -3.60 9.63
C PRO B 525 27.88 -2.85 9.70
N GLU B 526 28.98 -3.62 9.76
CA GLU B 526 30.31 -3.02 9.84
C GLU B 526 30.67 -2.25 8.58
N VAL B 527 30.09 -2.59 7.43
CA VAL B 527 30.32 -1.89 6.19
C VAL B 527 28.97 -1.45 5.64
N ILE B 528 28.74 -0.15 5.56
CA ILE B 528 27.57 0.40 4.90
C ILE B 528 27.88 0.55 3.43
N THR B 529 27.09 -0.11 2.59
CA THR B 529 27.16 0.07 1.15
C THR B 529 25.94 0.84 0.69
N ILE B 530 26.17 1.95 -0.01
CA ILE B 530 25.12 2.80 -0.51
C ILE B 530 25.06 2.63 -2.02
N HIS B 531 23.89 2.24 -2.51
CA HIS B 531 23.69 1.95 -3.92
C HIS B 531 23.01 3.15 -4.54
N LEU B 532 23.75 3.92 -5.32
CA LEU B 532 23.27 5.17 -5.87
C LEU B 532 22.45 4.91 -7.12
N LYS B 533 21.23 5.42 -7.16
CA LYS B 533 20.30 5.18 -8.26
C LYS B 533 20.56 6.20 -9.38
N CYS B 534 21.74 6.08 -9.99
CA CYS B 534 22.19 7.02 -11.00
C CYS B 534 21.53 6.71 -12.35
N PHE B 535 20.20 6.71 -12.32
CA PHE B 535 19.38 6.33 -13.46
C PHE B 535 17.93 6.68 -13.21
N ALA B 536 17.27 7.17 -14.25
CA ALA B 536 15.92 7.69 -14.17
C ALA B 536 15.13 7.25 -15.39
N ALA B 537 13.81 7.23 -15.25
CA ALA B 537 12.91 6.87 -16.33
C ALA B 537 12.52 8.14 -17.07
N SER B 538 13.17 8.41 -18.19
CA SER B 538 12.92 9.62 -18.97
C SER B 538 11.53 9.61 -19.60
N GLY B 548 14.22 5.07 -23.38
CA GLY B 548 13.32 5.56 -22.34
C GLY B 548 13.94 5.62 -20.96
N LEU B 549 15.10 5.00 -20.81
CA LEU B 549 15.83 4.95 -19.55
C LEU B 549 17.16 5.64 -19.72
N SER B 550 17.50 6.53 -18.81
CA SER B 550 18.69 7.34 -18.91
C SER B 550 19.57 7.15 -17.68
N LYS B 551 20.80 7.63 -17.77
CA LYS B 551 21.74 7.64 -16.67
C LYS B 551 21.91 9.08 -16.19
N ILE B 552 21.81 9.26 -14.87
CA ILE B 552 21.99 10.58 -14.26
C ILE B 552 23.48 10.74 -14.00
N ASN B 553 24.17 11.38 -14.94
CA ASN B 553 25.61 11.58 -14.86
C ASN B 553 25.98 12.89 -14.16
N THR B 554 25.39 13.12 -13.01
CA THR B 554 25.74 14.24 -12.15
C THR B 554 25.79 13.78 -10.70
N PRO B 555 26.97 13.61 -10.14
CA PRO B 555 27.07 13.04 -8.80
C PRO B 555 26.59 14.01 -7.73
N LEU B 556 26.31 13.45 -6.56
CA LEU B 556 25.98 14.23 -5.39
C LEU B 556 27.16 14.24 -4.42
N LEU B 557 27.12 15.20 -3.50
CA LEU B 557 28.21 15.40 -2.56
C LEU B 557 28.32 14.21 -1.62
N THR B 558 29.51 13.61 -1.56
CA THR B 558 29.74 12.42 -0.76
C THR B 558 30.69 12.75 0.37
N PRO B 559 30.26 12.66 1.63
CA PRO B 559 31.16 12.94 2.74
C PRO B 559 32.15 11.82 2.98
N LEU B 560 33.30 12.18 3.56
CA LEU B 560 34.25 11.18 4.00
C LEU B 560 33.81 10.52 5.29
N LYS B 561 33.15 11.25 6.18
CA LYS B 561 32.57 10.69 7.40
C LYS B 561 31.06 10.82 7.35
N LEU B 562 30.38 9.74 7.74
CA LEU B 562 28.92 9.67 7.71
C LEU B 562 28.40 9.15 9.04
N SER B 563 27.34 9.78 9.53
CA SER B 563 26.68 9.34 10.75
C SER B 563 25.20 9.16 10.47
N LEU B 564 24.70 7.97 10.80
CA LEU B 564 23.30 7.62 10.58
C LEU B 564 22.48 7.72 11.86
N GLU B 565 22.81 8.69 12.71
CA GLU B 565 22.11 8.84 13.98
C GLU B 565 20.73 9.46 13.79
N GLU B 566 20.55 10.27 12.75
CA GLU B 566 19.25 10.91 12.52
C GLU B 566 18.17 9.88 12.24
N TRP B 567 18.50 8.85 11.47
CA TRP B 567 17.55 7.82 11.05
C TRP B 567 17.74 6.52 11.82
N SER B 568 18.11 6.61 13.09
CA SER B 568 18.38 5.43 13.90
C SER B 568 17.38 5.34 15.03
N THR B 569 16.95 4.10 15.33
CA THR B 569 15.97 3.90 16.39
C THR B 569 16.51 4.32 17.75
N LYS B 570 17.75 3.96 18.04
CA LYS B 570 18.37 4.34 19.30
C LYS B 570 19.56 5.26 19.05
N PRO B 571 19.82 6.20 19.95
CA PRO B 571 20.96 7.11 19.76
C PRO B 571 22.27 6.35 19.82
N THR B 572 23.16 6.66 18.88
CA THR B 572 24.48 6.06 18.83
C THR B 572 25.50 7.11 18.42
N ASN B 573 26.74 6.92 18.88
CA ASN B 573 27.88 7.72 18.43
C ASN B 573 28.77 6.78 17.63
N ASP B 574 28.42 6.59 16.35
CA ASP B 574 29.13 5.69 15.47
C ASP B 574 29.31 6.39 14.13
N SER B 575 30.51 6.86 13.86
CA SER B 575 30.83 7.47 12.58
C SER B 575 31.26 6.39 11.60
N TYR B 576 30.97 6.63 10.33
CA TYR B 576 31.37 5.74 9.25
C TYR B 576 32.27 6.50 8.29
N GLY B 577 33.40 5.89 7.94
CA GLY B 577 34.36 6.50 7.05
C GLY B 577 34.37 5.81 5.69
N LEU B 578 34.31 6.62 4.64
CA LEU B 578 34.28 6.08 3.29
C LEU B 578 35.64 5.51 2.92
N PHE B 579 35.65 4.30 2.37
CA PHE B 579 36.87 3.65 1.98
C PHE B 579 36.86 3.05 0.59
N ALA B 580 35.73 3.04 -0.11
CA ALA B 580 35.69 2.46 -1.44
C ALA B 580 34.55 3.09 -2.22
N VAL B 581 34.81 3.39 -3.50
CA VAL B 581 33.81 3.89 -4.43
C VAL B 581 33.92 3.09 -5.72
N VAL B 582 32.79 2.63 -6.25
CA VAL B 582 32.72 1.96 -7.53
C VAL B 582 32.06 2.92 -8.52
N MET B 583 32.73 3.19 -9.62
CA MET B 583 32.36 4.26 -10.54
C MET B 583 32.08 3.71 -11.93
N HIS B 584 31.04 4.23 -12.56
CA HIS B 584 30.63 3.84 -13.90
C HIS B 584 30.89 5.00 -14.85
N SER B 585 31.68 4.74 -15.89
CA SER B 585 32.00 5.73 -16.91
C SER B 585 31.21 5.42 -18.17
N GLY B 586 30.33 6.31 -18.55
CA GLY B 586 29.49 6.13 -19.71
C GLY B 586 28.32 7.08 -19.68
N ILE B 587 27.65 7.16 -20.82
CA ILE B 587 26.46 7.97 -20.97
C ILE B 587 25.22 7.12 -21.16
N THR B 588 25.32 5.83 -20.90
CA THR B 588 24.24 4.89 -21.16
C THR B 588 24.13 3.90 -20.02
N ILE B 589 22.89 3.53 -19.69
CA ILE B 589 22.63 2.49 -18.71
C ILE B 589 23.18 1.14 -19.18
N SER B 590 23.13 0.88 -20.48
CA SER B 590 23.39 -0.46 -21.01
C SER B 590 24.84 -0.70 -21.37
N SER B 591 25.71 0.30 -21.33
CA SER B 591 27.11 0.10 -21.64
C SER B 591 27.94 1.09 -20.84
N GLY B 592 29.17 0.71 -20.54
CA GLY B 592 30.07 1.60 -19.84
C GLY B 592 31.31 0.86 -19.38
N HIS B 593 32.04 1.49 -18.47
CA HIS B 593 33.23 0.89 -17.92
C HIS B 593 33.20 1.09 -16.42
N TYR B 594 33.53 0.05 -15.66
CA TYR B 594 33.53 0.12 -14.21
C TYR B 594 34.95 0.31 -13.69
N THR B 595 35.08 1.12 -12.65
CA THR B 595 36.35 1.37 -11.99
C THR B 595 36.12 1.41 -10.49
N ALA B 596 37.11 0.98 -9.73
CA ALA B 596 37.03 0.95 -8.28
C ALA B 596 38.15 1.77 -7.67
N SER B 597 37.82 2.55 -6.64
CA SER B 597 38.79 3.32 -5.89
C SER B 597 38.64 2.94 -4.42
N VAL B 598 39.78 2.64 -3.77
CA VAL B 598 39.78 2.21 -2.39
C VAL B 598 40.83 2.98 -1.62
N LYS B 599 40.62 3.09 -0.31
CA LYS B 599 41.53 3.77 0.59
C LYS B 599 42.31 2.73 1.37
N VAL B 600 43.63 2.81 1.33
CA VAL B 600 44.48 1.81 1.95
C VAL B 600 44.82 2.24 3.36
N THR B 601 44.63 1.33 4.31
CA THR B 601 44.93 1.59 5.71
C THR B 601 45.76 0.48 6.35
N ASP B 602 45.51 -0.77 6.00
CA ASP B 602 46.22 -1.89 6.60
C ASP B 602 46.13 -3.10 5.68
N LEU B 603 47.01 -4.07 5.91
CA LEU B 603 47.04 -5.28 5.12
C LEU B 603 46.07 -6.33 5.67
N VAL B 737 58.69 -3.86 5.75
CA VAL B 737 58.07 -3.39 4.52
C VAL B 737 57.40 -2.05 4.72
N GLN B 738 58.19 -1.04 5.11
CA GLN B 738 57.67 0.31 5.27
C GLN B 738 57.21 0.92 3.95
N SER B 739 57.65 0.37 2.82
CA SER B 739 57.13 0.81 1.53
C SER B 739 55.62 0.60 1.45
N LEU B 740 55.12 -0.48 2.06
CA LEU B 740 53.69 -0.73 2.04
C LEU B 740 52.93 0.28 2.86
N LYS B 741 53.53 0.77 3.95
CA LYS B 741 52.93 1.80 4.77
C LYS B 741 53.16 3.20 4.23
N GLU B 742 54.00 3.35 3.19
CA GLU B 742 54.17 4.64 2.56
C GLU B 742 52.87 5.14 1.95
N TYR B 743 51.98 4.24 1.55
CA TYR B 743 50.74 4.61 0.88
C TYR B 743 49.60 4.91 1.85
N GLU B 744 49.84 4.82 3.16
CA GLU B 744 48.79 4.99 4.14
C GLU B 744 48.07 6.31 3.95
N GLY B 745 46.74 6.25 3.92
CA GLY B 745 45.92 7.43 3.75
C GLY B 745 45.70 7.86 2.32
N LYS B 746 46.31 7.19 1.36
CA LYS B 746 46.15 7.52 -0.05
C LYS B 746 45.18 6.57 -0.72
N TRP B 747 44.56 7.06 -1.78
CA TRP B 747 43.54 6.34 -2.50
C TRP B 747 44.13 5.62 -3.70
N LEU B 748 43.64 4.41 -3.94
CA LEU B 748 44.07 3.58 -5.07
C LEU B 748 42.97 3.57 -6.12
N LEU B 749 43.34 3.86 -7.36
CA LEU B 749 42.41 3.75 -8.47
C LEU B 749 42.68 2.45 -9.19
N PHE B 750 41.66 1.62 -9.34
CA PHE B 750 41.79 0.31 -9.96
C PHE B 750 41.09 0.33 -11.32
N ASP B 751 41.88 0.51 -12.36
CA ASP B 751 41.41 0.25 -13.72
C ASP B 751 41.49 -1.26 -13.89
N ASP B 752 41.41 -1.75 -15.13
CA ASP B 752 41.44 -3.20 -15.33
C ASP B 752 42.68 -3.81 -14.69
N SER B 753 43.86 -3.46 -15.18
CA SER B 753 45.10 -4.04 -14.71
C SER B 753 46.12 -3.05 -14.19
N GLU B 754 45.90 -1.76 -14.38
CA GLU B 754 46.81 -0.75 -13.89
C GLU B 754 46.29 -0.15 -12.60
N VAL B 755 47.21 0.19 -11.70
CA VAL B 755 46.87 0.79 -10.42
C VAL B 755 47.57 2.13 -10.32
N LYS B 756 46.84 3.15 -9.88
CA LYS B 756 47.37 4.48 -9.72
C LYS B 756 47.07 4.97 -8.32
N VAL B 757 48.06 5.59 -7.69
CA VAL B 757 47.90 6.14 -6.34
C VAL B 757 47.45 7.58 -6.46
N THR B 758 46.34 7.90 -5.80
CA THR B 758 45.75 9.23 -5.84
C THR B 758 45.63 9.76 -4.42
N GLU B 759 45.97 11.03 -4.25
CA GLU B 759 45.82 11.66 -2.94
C GLU B 759 44.35 11.83 -2.62
N GLU B 760 44.06 11.98 -1.32
CA GLU B 760 42.66 12.11 -0.90
C GLU B 760 42.03 13.38 -1.44
N LYS B 761 42.78 14.49 -1.43
CA LYS B 761 42.22 15.75 -1.90
C LYS B 761 41.91 15.69 -3.40
N ASP B 762 42.81 15.10 -4.19
CA ASP B 762 42.55 14.99 -5.62
C ASP B 762 41.36 14.10 -5.92
N PHE B 763 41.27 12.96 -5.22
CA PHE B 763 40.14 12.05 -5.43
C PHE B 763 38.82 12.71 -5.06
N LEU B 764 38.79 13.42 -3.94
CA LEU B 764 37.56 14.06 -3.50
C LEU B 764 37.17 15.21 -4.42
N ASN B 765 38.15 15.96 -4.91
CA ASN B 765 37.84 17.02 -5.86
C ASN B 765 37.29 16.45 -7.16
N SER B 766 37.88 15.35 -7.64
CA SER B 766 37.38 14.74 -8.87
C SER B 766 35.99 14.15 -8.69
N LEU B 767 35.73 13.56 -7.53
CA LEU B 767 34.43 12.96 -7.27
C LEU B 767 33.34 14.02 -7.07
N SER B 768 33.74 15.21 -6.64
CA SER B 768 32.76 16.26 -6.40
C SER B 768 32.17 16.75 -7.72
N PRO B 769 30.89 17.14 -7.73
CA PRO B 769 30.25 17.56 -8.98
C PRO B 769 30.60 18.99 -9.37
N SER B 770 31.63 19.55 -8.73
CA SER B 770 32.09 20.89 -9.12
C SER B 770 32.54 20.91 -10.57
N THR B 771 33.27 19.88 -11.00
CA THR B 771 33.66 19.70 -12.38
C THR B 771 32.99 18.44 -12.92
N SER B 772 33.09 18.24 -14.22
CA SER B 772 32.54 17.03 -14.82
C SER B 772 33.44 15.86 -14.50
N PRO B 773 32.96 14.84 -13.78
CA PRO B 773 33.86 13.77 -13.34
C PRO B 773 34.09 12.68 -14.37
N THR B 774 33.18 12.50 -15.32
CA THR B 774 33.24 11.51 -16.41
C THR B 774 33.09 10.09 -15.89
N SER B 775 33.03 9.89 -14.58
CA SER B 775 32.84 8.56 -14.00
C SER B 775 32.05 8.73 -12.71
N THR B 776 30.75 8.55 -12.81
CA THR B 776 29.91 8.85 -11.65
C THR B 776 30.02 7.73 -10.61
N PRO B 777 30.03 8.08 -9.33
CA PRO B 777 29.95 7.05 -8.29
C PRO B 777 28.65 6.26 -8.41
N TYR B 778 28.77 4.96 -8.19
CA TYR B 778 27.64 4.04 -8.22
C TYR B 778 27.46 3.28 -6.92
N LEU B 779 28.56 2.91 -6.27
CA LEU B 779 28.52 2.14 -5.04
C LEU B 779 29.46 2.81 -4.06
N LEU B 780 28.93 3.15 -2.89
CA LEU B 780 29.68 3.83 -1.84
C LEU B 780 29.80 2.91 -0.64
N PHE B 781 31.02 2.76 -0.12
CA PHE B 781 31.30 1.82 0.95
C PHE B 781 31.85 2.57 2.15
N TYR B 782 31.16 2.46 3.28
CA TYR B 782 31.55 3.11 4.52
C TYR B 782 31.79 2.04 5.59
N LYS B 783 32.86 2.20 6.35
CA LYS B 783 33.19 1.26 7.41
C LYS B 783 33.21 1.99 8.75
N LYS B 784 32.88 1.24 9.80
CA LYS B 784 32.82 1.81 11.14
C LYS B 784 34.18 2.32 11.58
N LEU B 785 34.16 3.25 12.53
CA LEU B 785 35.36 3.91 12.98
C LEU B 785 35.56 3.73 14.47
N MET C 1 -2.55 -9.05 -0.66
CA MET C 1 -2.29 -7.93 0.24
C MET C 1 -1.77 -6.72 -0.52
N GLN C 2 -1.52 -5.64 0.21
CA GLN C 2 -0.93 -4.44 -0.35
C GLN C 2 0.53 -4.36 0.05
N ILE C 3 1.41 -4.25 -0.93
CA ILE C 3 2.84 -4.09 -0.70
C ILE C 3 3.26 -2.73 -1.22
N PHE C 4 4.47 -2.34 -0.84
CA PHE C 4 5.04 -1.07 -1.24
C PHE C 4 6.24 -1.30 -2.14
N VAL C 5 6.41 -0.46 -3.14
CA VAL C 5 7.61 -0.43 -3.95
C VAL C 5 8.17 0.98 -3.92
N LYS C 6 9.43 1.10 -3.52
CA LYS C 6 10.13 2.38 -3.59
C LYS C 6 10.74 2.53 -4.97
N THR C 7 10.26 3.53 -5.72
CA THR C 7 10.65 3.69 -7.10
C THR C 7 12.00 4.39 -7.19
N LEU C 8 12.41 4.75 -8.41
CA LEU C 8 13.77 5.23 -8.64
C LEU C 8 14.03 6.55 -7.95
N THR C 9 13.02 7.41 -7.90
CA THR C 9 13.17 8.73 -7.29
C THR C 9 13.03 8.71 -5.78
N GLY C 10 12.78 7.54 -5.19
CA GLY C 10 12.52 7.43 -3.78
C GLY C 10 11.05 7.42 -3.44
N LYS C 11 10.18 7.81 -4.36
CA LYS C 11 8.75 7.79 -4.13
C LYS C 11 8.28 6.37 -3.92
N THR C 12 7.32 6.20 -3.01
CA THR C 12 6.77 4.89 -2.71
C THR C 12 5.41 4.76 -3.39
N ILE C 13 5.22 3.65 -4.09
CA ILE C 13 3.96 3.34 -4.73
C ILE C 13 3.38 2.10 -4.07
N THR C 14 2.09 1.88 -4.30
CA THR C 14 1.36 0.79 -3.69
C THR C 14 0.91 -0.19 -4.77
N LEU C 15 1.10 -1.47 -4.50
CA LEU C 15 0.69 -2.54 -5.39
C LEU C 15 -0.26 -3.46 -4.64
N GLU C 16 -1.36 -3.85 -5.27
CA GLU C 16 -2.30 -4.81 -4.71
C GLU C 16 -2.00 -6.17 -5.35
N VAL C 17 -1.46 -7.09 -4.55
CA VAL C 17 -0.97 -8.36 -5.03
C VAL C 17 -1.63 -9.48 -4.22
N GLU C 18 -1.29 -10.70 -4.57
CA GLU C 18 -1.74 -11.90 -3.88
C GLU C 18 -0.53 -12.76 -3.55
N PRO C 19 -0.61 -13.59 -2.50
CA PRO C 19 0.54 -14.43 -2.16
C PRO C 19 0.94 -15.40 -3.25
N SER C 20 0.04 -15.73 -4.17
CA SER C 20 0.32 -16.64 -5.26
C SER C 20 0.61 -15.90 -6.56
N ASP C 21 1.26 -14.75 -6.47
CA ASP C 21 1.56 -13.93 -7.63
C ASP C 21 3.04 -14.07 -7.99
N THR C 22 3.31 -14.39 -9.24
CA THR C 22 4.69 -14.49 -9.70
C THR C 22 5.32 -13.12 -9.78
N ILE C 23 6.65 -13.10 -9.78
CA ILE C 23 7.38 -11.84 -9.87
C ILE C 23 7.08 -11.14 -11.19
N GLU C 24 6.79 -11.91 -12.24
CA GLU C 24 6.47 -11.30 -13.53
C GLU C 24 5.19 -10.47 -13.45
N ASN C 25 4.19 -10.95 -12.72
CA ASN C 25 2.97 -10.17 -12.55
C ASN C 25 3.24 -8.88 -11.78
N VAL C 26 4.08 -8.96 -10.76
CA VAL C 26 4.43 -7.76 -9.99
C VAL C 26 5.15 -6.76 -10.88
N LYS C 27 6.05 -7.24 -11.72
CA LYS C 27 6.75 -6.34 -12.63
C LYS C 27 5.80 -5.76 -13.68
N ALA C 28 4.79 -6.52 -14.10
CA ALA C 28 3.78 -5.97 -14.99
C ALA C 28 3.01 -4.84 -14.32
N LYS C 29 2.65 -5.01 -13.05
CA LYS C 29 1.95 -3.96 -12.32
C LYS C 29 2.85 -2.73 -12.14
N ILE C 30 4.14 -2.95 -11.86
CA ILE C 30 5.07 -1.83 -11.74
C ILE C 30 5.21 -1.12 -13.07
N GLN C 31 5.18 -1.86 -14.18
CA GLN C 31 5.19 -1.21 -15.49
C GLN C 31 3.93 -0.39 -15.70
N ASP C 32 2.79 -0.89 -15.25
CA ASP C 32 1.55 -0.13 -15.35
C ASP C 32 1.64 1.19 -14.58
N LYS C 33 2.24 1.17 -13.40
CA LYS C 33 2.27 2.38 -12.58
C LYS C 33 3.46 3.29 -12.87
N GLU C 34 4.54 2.76 -13.46
CA GLU C 34 5.79 3.50 -13.58
C GLU C 34 6.35 3.52 -14.99
N GLY C 35 5.97 2.57 -15.85
CA GLY C 35 6.39 2.59 -17.23
C GLY C 35 7.70 1.90 -17.52
N ILE C 36 8.35 1.29 -16.54
CA ILE C 36 9.63 0.62 -16.77
C ILE C 36 9.35 -0.78 -17.28
N PRO C 37 9.92 -1.19 -18.41
CA PRO C 37 9.71 -2.54 -18.92
C PRO C 37 10.16 -3.58 -17.91
N PRO C 38 9.42 -4.69 -17.78
CA PRO C 38 9.82 -5.73 -16.83
C PRO C 38 11.19 -6.31 -17.08
N ASP C 39 11.61 -6.45 -18.34
CA ASP C 39 12.92 -7.01 -18.63
C ASP C 39 14.06 -6.13 -18.16
N GLN C 40 13.78 -4.88 -17.82
CA GLN C 40 14.79 -3.95 -17.31
C GLN C 40 14.71 -3.76 -15.81
N GLN C 41 13.74 -4.38 -15.14
CA GLN C 41 13.50 -4.14 -13.72
C GLN C 41 14.29 -5.12 -12.86
N ARG C 42 14.66 -4.65 -11.67
CA ARG C 42 15.25 -5.48 -10.62
C ARG C 42 14.54 -5.16 -9.31
N LEU C 43 13.93 -6.16 -8.70
CA LEU C 43 13.22 -6.00 -7.44
C LEU C 43 14.06 -6.61 -6.33
N ILE C 44 14.19 -5.88 -5.23
CA ILE C 44 15.02 -6.29 -4.11
C ILE C 44 14.17 -6.26 -2.85
N PHE C 45 14.07 -7.38 -2.16
CA PHE C 45 13.33 -7.48 -0.92
C PHE C 45 14.22 -8.13 0.12
N ALA C 46 14.44 -7.42 1.22
CA ALA C 46 15.28 -7.90 2.33
C ALA C 46 16.68 -8.29 1.84
N GLY C 47 17.22 -7.49 0.93
CA GLY C 47 18.55 -7.74 0.42
C GLY C 47 18.66 -8.89 -0.54
N LYS C 48 17.58 -9.27 -1.22
CA LYS C 48 17.59 -10.36 -2.18
C LYS C 48 16.83 -9.94 -3.43
N GLN C 49 17.40 -10.23 -4.60
CA GLN C 49 16.63 -10.06 -5.82
C GLN C 49 15.57 -11.13 -5.93
N LEU C 50 14.42 -10.74 -6.45
CA LEU C 50 13.27 -11.61 -6.60
C LEU C 50 13.34 -12.15 -8.03
N GLU C 51 13.83 -13.38 -8.16
CA GLU C 51 13.99 -13.97 -9.48
C GLU C 51 12.65 -14.44 -10.04
N ASP C 52 12.53 -14.40 -11.36
CA ASP C 52 11.28 -14.72 -12.02
C ASP C 52 10.99 -16.22 -11.93
N GLY C 53 9.72 -16.56 -12.09
CA GLY C 53 9.26 -17.92 -11.95
C GLY C 53 8.97 -18.33 -10.53
N ARG C 54 9.18 -17.45 -9.56
CA ARG C 54 8.90 -17.73 -8.16
C ARG C 54 7.82 -16.79 -7.67
N THR C 55 7.02 -17.25 -6.72
CA THR C 55 5.87 -16.50 -6.25
C THR C 55 6.23 -15.66 -5.03
N LEU C 56 5.32 -14.76 -4.67
CA LEU C 56 5.52 -13.89 -3.53
C LEU C 56 5.51 -14.66 -2.22
N SER C 57 4.81 -15.78 -2.16
CA SER C 57 4.84 -16.61 -0.97
C SER C 57 6.20 -17.23 -0.73
N ASP C 58 6.96 -17.47 -1.80
CA ASP C 58 8.29 -18.06 -1.67
C ASP C 58 9.26 -17.15 -0.95
N TYR C 59 8.99 -15.84 -0.89
CA TYR C 59 9.89 -14.89 -0.26
C TYR C 59 9.35 -14.34 1.05
N ASN C 60 8.23 -14.86 1.53
CA ASN C 60 7.60 -14.36 2.75
C ASN C 60 7.29 -12.88 2.65
N ILE C 61 6.78 -12.46 1.50
CA ILE C 61 6.34 -11.08 1.30
C ILE C 61 4.92 -10.98 1.84
N GLN C 62 4.77 -10.25 2.93
CA GLN C 62 3.51 -10.10 3.64
C GLN C 62 2.88 -8.76 3.28
N LYS C 63 1.83 -8.40 4.01
CA LYS C 63 1.22 -7.10 3.83
C LYS C 63 2.21 -6.00 4.19
N GLU C 64 2.11 -4.90 3.44
CA GLU C 64 2.97 -3.72 3.60
C GLU C 64 4.43 -4.11 3.78
N SER C 65 4.90 -4.97 2.88
CA SER C 65 6.31 -5.23 2.71
C SER C 65 6.83 -4.34 1.59
N THR C 66 8.02 -3.79 1.79
CA THR C 66 8.59 -2.83 0.87
C THR C 66 9.55 -3.54 -0.08
N LEU C 67 9.29 -3.41 -1.38
CA LEU C 67 10.20 -3.84 -2.41
C LEU C 67 10.94 -2.64 -2.96
N HIS C 68 12.17 -2.86 -3.40
CA HIS C 68 13.01 -1.80 -3.93
C HIS C 68 13.22 -2.03 -5.42
N LEU C 69 12.98 -1.00 -6.21
CA LEU C 69 13.10 -1.07 -7.65
C LEU C 69 14.41 -0.44 -8.08
N VAL C 70 15.26 -1.22 -8.73
CA VAL C 70 16.49 -0.73 -9.33
C VAL C 70 16.61 -1.28 -10.74
N LEU C 71 17.50 -0.68 -11.51
CA LEU C 71 17.80 -1.05 -12.87
C LEU C 71 19.20 -1.65 -12.95
N ARG C 72 19.61 -2.04 -14.14
CA ARG C 72 20.92 -2.63 -14.37
C ARG C 72 21.81 -1.62 -15.05
N LEU C 73 22.82 -1.13 -14.33
CA LEU C 73 23.85 -0.26 -14.89
C LEU C 73 24.94 -1.15 -15.46
N ARG C 74 24.80 -1.51 -16.72
CA ARG C 74 25.70 -2.47 -17.33
C ARG C 74 27.04 -1.84 -17.66
N GLY C 75 28.10 -2.59 -17.45
CA GLY C 75 29.45 -2.15 -17.74
C GLY C 75 30.35 -3.35 -17.88
ZN ZN D . -6.38 3.85 10.03
N20 A1A4Y E . 31.13 -2.81 -18.96
C21 A1A4Y E . 32.01 -3.91 -18.53
C25 A1A4Y E . 34.04 -3.13 -19.71
S26 A1A4Y E . 35.73 -3.39 -19.84
C35 A1A4Y E . 36.24 -2.67 -21.41
O36 A1A4Y E . 36.42 -2.65 -18.80
O35 A1A4Y E . 35.97 -4.80 -19.99
C22 A1A4Y E . 33.41 -3.51 -18.63
#